data_9OJV
#
_entry.id   9OJV
#
_cell.length_a   65.391
_cell.length_b   92.374
_cell.length_c   194.663
_cell.angle_alpha   90.000
_cell.angle_beta   90.000
_cell.angle_gamma   90.000
#
_symmetry.space_group_name_H-M   'P 2 21 21'
#
loop_
_entity.id
_entity.type
_entity.pdbx_description
1 polymer 'J2 Fab heavy chain'
2 polymer 'J2 Fab light chain'
3 polymer 'RNA strand1'
4 polymer 'RNA strand2'
5 non-polymer DI(HYDROXYETHYL)ETHER
6 water water
#
loop_
_entity_poly.entity_id
_entity_poly.type
_entity_poly.pdbx_seq_one_letter_code
_entity_poly.pdbx_strand_id
1 'polypeptide(L)'
;EVQLQQSGPELVKPGASVKMSCKASGYTFANHVMHWVKQKPGQGLEWIGYIYPYNDGTKYNEKFKGKATLTSDKSSSTAY
MELSSLASEDSAVYYCARGGNPAWFAYWGQGTLVTVSAAKTTAPSVYPLAPVCGDTTGSSVTLGCLVKGYFPEPVTLTWN
SGSLSSGVHTFPAVLQSDLYTLSSSVTVTSSTWPSQSITCNVAHPASSTKVDKKISALPETGGGHHHHHH
;
C,A
2 'polypeptide(L)'
;NIMMTQSPSSLAVSAGEKVTMSCKSSQSVLYSSNQKNYLAWYQQKPGQSPKLLIYWASTRESGVPDRFTGSGSGTDFTLT
ISSVQAEDLAVYYCHQYLSSYTFGGGTKLEIKRADAAPTVSIFPPSSEQLTSGGASVVCFLNNFYPKDINVKWKIDGSER
QNGVLNSWTDQDSKDSTYSMSSTLTLTKDEYERHNSYTCEATHKTSTSPIVKSFNRNEC
;
D,B
3 'polyribonucleotide' GUUGUAAAGAAGGUCAAUAUUGUA E
4 'polyribonucleotide' AACAAUAUUGACCUUCUUUACAAC F
#
loop_
_chem_comp.id
_chem_comp.type
_chem_comp.name
_chem_comp.formula
A RNA linking ADENOSINE-5'-MONOPHOSPHATE 'C10 H14 N5 O7 P'
C RNA linking CYTIDINE-5'-MONOPHOSPHATE 'C9 H14 N3 O8 P'
G RNA linking GUANOSINE-5'-MONOPHOSPHATE 'C10 H14 N5 O8 P'
PEG non-polymer DI(HYDROXYETHYL)ETHER 'C4 H10 O3'
U RNA linking URIDINE-5'-MONOPHOSPHATE 'C9 H13 N2 O9 P'
#
# COMPACT_ATOMS: atom_id res chain seq x y z
N GLU A 1 -31.51 14.98 -12.04
CA GLU A 1 -32.04 16.05 -11.14
C GLU A 1 -31.44 15.92 -9.75
N VAL A 2 -30.16 15.54 -9.69
CA VAL A 2 -29.47 15.47 -8.41
C VAL A 2 -29.29 16.86 -7.85
N GLN A 3 -29.75 17.07 -6.61
CA GLN A 3 -29.72 18.38 -5.98
C GLN A 3 -29.31 18.24 -4.53
N LEU A 4 -28.33 19.05 -4.11
CA LEU A 4 -27.83 19.07 -2.75
C LEU A 4 -28.12 20.44 -2.15
N GLN A 5 -28.98 20.48 -1.12
CA GLN A 5 -29.40 21.72 -0.49
C GLN A 5 -28.86 21.74 0.93
N GLN A 6 -27.92 22.65 1.20
CA GLN A 6 -27.31 22.78 2.52
C GLN A 6 -28.05 23.82 3.36
N SER A 7 -27.77 23.80 4.66
CA SER A 7 -28.40 24.74 5.58
C SER A 7 -27.75 26.11 5.48
N GLY A 8 -28.37 27.07 6.15
CA GLY A 8 -27.93 28.45 6.11
C GLY A 8 -26.65 28.68 6.90
N PRO A 9 -26.10 29.89 6.77
CA PRO A 9 -24.85 30.21 7.46
C PRO A 9 -25.05 30.30 8.97
N GLU A 10 -23.93 30.23 9.69
CA GLU A 10 -23.97 30.21 11.15
C GLU A 10 -22.89 31.12 11.72
N LEU A 11 -23.24 31.84 12.78
CA LEU A 11 -22.30 32.61 13.59
C LEU A 11 -22.15 31.91 14.93
N VAL A 12 -20.92 31.50 15.24
CA VAL A 12 -20.64 30.69 16.42
C VAL A 12 -19.69 31.42 17.34
N LYS A 13 -19.90 31.27 18.65
CA LYS A 13 -18.99 31.81 19.63
C LYS A 13 -17.77 30.93 19.77
N PRO A 14 -16.59 31.50 20.01
CA PRO A 14 -15.38 30.67 20.18
C PRO A 14 -15.59 29.61 21.24
N GLY A 15 -15.08 28.41 20.96
CA GLY A 15 -15.17 27.30 21.88
C GLY A 15 -16.45 26.48 21.79
N ALA A 16 -17.48 27.01 21.16
CA ALA A 16 -18.76 26.32 21.05
C ALA A 16 -18.72 25.35 19.87
N SER A 17 -19.88 24.80 19.51
CA SER A 17 -20.00 23.82 18.43
C SER A 17 -21.10 24.25 17.48
N VAL A 18 -21.17 23.55 16.35
CA VAL A 18 -22.16 23.85 15.32
C VAL A 18 -22.39 22.58 14.50
N LYS A 19 -23.59 22.45 13.96
CA LYS A 19 -23.96 21.31 13.12
C LYS A 19 -24.79 21.79 11.94
N MET A 20 -24.44 21.32 10.74
CA MET A 20 -25.12 21.72 9.51
C MET A 20 -25.59 20.47 8.77
N SER A 21 -26.52 20.66 7.84
CA SER A 21 -27.17 19.56 7.15
C SER A 21 -27.06 19.73 5.64
N CYS A 22 -27.07 18.60 4.94
CA CYS A 22 -27.01 18.54 3.48
C CYS A 22 -28.11 17.59 3.01
N LYS A 23 -29.20 18.15 2.49
CA LYS A 23 -30.34 17.36 2.04
C LYS A 23 -30.14 16.94 0.58
N ALA A 24 -30.26 15.63 0.34
CA ALA A 24 -30.02 15.06 -0.97
C ALA A 24 -31.33 14.64 -1.63
N SER A 25 -31.35 14.67 -2.95
CA SER A 25 -32.53 14.30 -3.72
C SER A 25 -32.12 14.02 -5.16
N GLY A 26 -32.84 13.10 -5.79
CA GLY A 26 -32.57 12.73 -7.17
C GLY A 26 -31.76 11.47 -7.35
N TYR A 27 -31.52 10.71 -6.29
CA TYR A 27 -30.77 9.47 -6.38
C TYR A 27 -30.97 8.68 -5.10
N THR A 28 -30.48 7.44 -5.10
CA THR A 28 -30.57 6.58 -3.92
C THR A 28 -29.55 7.06 -2.89
N PHE A 29 -30.03 7.68 -1.83
CA PHE A 29 -29.14 8.29 -0.85
C PHE A 29 -28.18 7.26 -0.24
N ALA A 30 -28.62 6.02 -0.08
CA ALA A 30 -27.80 5.03 0.62
C ALA A 30 -26.65 4.51 -0.24
N ASN A 31 -26.83 4.43 -1.55
CA ASN A 31 -25.85 3.78 -2.39
C ASN A 31 -24.59 4.60 -2.60
N HIS A 32 -24.65 5.91 -2.41
CA HIS A 32 -23.53 6.80 -2.70
C HIS A 32 -22.99 7.42 -1.42
N VAL A 33 -21.73 7.84 -1.49
CA VAL A 33 -21.01 8.39 -0.36
C VAL A 33 -21.10 9.91 -0.40
N MET A 34 -21.11 10.53 0.78
CA MET A 34 -21.25 11.97 0.92
C MET A 34 -19.98 12.53 1.55
N HIS A 35 -19.23 13.29 0.78
CA HIS A 35 -18.01 13.94 1.27
C HIS A 35 -18.34 15.32 1.87
N TRP A 36 -17.37 15.86 2.59
CA TRP A 36 -17.42 17.23 3.08
C TRP A 36 -16.08 17.90 2.81
N VAL A 37 -16.11 19.16 2.41
CA VAL A 37 -14.93 19.89 1.98
C VAL A 37 -14.92 21.27 2.63
N LYS A 38 -13.72 21.77 2.91
CA LYS A 38 -13.52 23.07 3.52
C LYS A 38 -12.81 24.00 2.53
N GLN A 39 -13.20 25.27 2.54
CA GLN A 39 -12.59 26.28 1.70
C GLN A 39 -12.49 27.58 2.49
N LYS A 40 -11.28 27.91 2.96
CA LYS A 40 -11.07 29.16 3.65
C LYS A 40 -11.29 30.33 2.70
N PRO A 41 -11.61 31.51 3.23
CA PRO A 41 -11.81 32.68 2.35
C PRO A 41 -10.55 33.01 1.58
N GLY A 42 -10.66 33.00 0.26
CA GLY A 42 -9.55 33.35 -0.61
C GLY A 42 -8.53 32.25 -0.83
N GLN A 43 -8.75 31.07 -0.29
CA GLN A 43 -7.82 29.96 -0.43
C GLN A 43 -8.49 28.81 -1.18
N GLY A 44 -7.77 27.69 -1.28
CA GLY A 44 -8.24 26.54 -2.04
C GLY A 44 -9.16 25.63 -1.25
N LEU A 45 -9.22 24.38 -1.70
CA LEU A 45 -10.11 23.38 -1.12
C LEU A 45 -9.34 22.42 -0.23
N GLU A 46 -10.07 21.73 0.64
CA GLU A 46 -9.48 20.77 1.56
C GLU A 46 -10.51 19.71 1.92
N TRP A 47 -10.12 18.45 1.80
CA TRP A 47 -11.02 17.34 2.10
C TRP A 47 -11.03 17.05 3.59
N ILE A 48 -12.23 16.81 4.12
CA ILE A 48 -12.41 16.54 5.55
C ILE A 48 -12.65 15.06 5.76
N GLY A 49 -13.66 14.51 5.10
CA GLY A 49 -14.02 13.12 5.27
C GLY A 49 -15.30 12.81 4.51
N TYR A 50 -15.72 11.55 4.66
CA TYR A 50 -16.93 11.10 4.00
C TYR A 50 -17.62 10.06 4.88
N ILE A 51 -18.86 9.74 4.52
CA ILE A 51 -19.68 8.78 5.26
C ILE A 51 -20.42 7.91 4.26
N TYR A 52 -20.63 6.65 4.64
CA TYR A 52 -21.41 5.71 3.85
C TYR A 52 -22.78 5.56 4.50
N PRO A 53 -23.83 6.19 3.98
CA PRO A 53 -25.10 6.23 4.71
C PRO A 53 -25.73 4.86 4.95
N TYR A 54 -25.39 3.85 4.15
CA TYR A 54 -26.01 2.54 4.30
C TYR A 54 -25.78 1.98 5.70
N ASN A 55 -24.51 1.86 6.10
CA ASN A 55 -24.16 1.35 7.43
C ASN A 55 -23.48 2.41 8.29
N ASP A 56 -23.45 3.66 7.84
CA ASP A 56 -22.95 4.78 8.63
C ASP A 56 -21.45 4.71 8.90
N GLY A 57 -20.70 4.05 8.02
CA GLY A 57 -19.26 4.06 8.14
C GLY A 57 -18.67 5.40 7.76
N THR A 58 -17.55 5.74 8.41
CA THR A 58 -16.92 7.04 8.22
C THR A 58 -15.42 6.87 8.01
N LYS A 59 -14.85 7.79 7.23
CA LYS A 59 -13.40 7.86 7.00
C LYS A 59 -12.99 9.32 7.05
N TYR A 60 -12.10 9.65 7.96
CA TYR A 60 -11.75 11.04 8.25
C TYR A 60 -10.34 11.38 7.80
N ASN A 61 -10.14 12.64 7.45
CA ASN A 61 -8.80 13.17 7.26
C ASN A 61 -8.09 13.25 8.61
N GLU A 62 -6.81 12.88 8.62
CA GLU A 62 -6.06 12.92 9.87
C GLU A 62 -6.12 14.30 10.52
N LYS A 63 -6.19 15.35 9.71
CA LYS A 63 -6.20 16.71 10.25
C LYS A 63 -7.53 17.09 10.89
N PHE A 64 -8.60 16.37 10.58
CA PHE A 64 -9.93 16.67 11.09
C PHE A 64 -10.48 15.57 11.98
N LYS A 65 -9.61 14.74 12.56
CA LYS A 65 -10.08 13.58 13.32
C LYS A 65 -10.97 14.01 14.47
N GLY A 66 -10.41 14.76 15.43
CA GLY A 66 -11.16 15.21 16.58
C GLY A 66 -11.93 16.49 16.39
N LYS A 67 -12.06 16.97 15.15
CA LYS A 67 -12.74 18.22 14.86
C LYS A 67 -14.11 18.04 14.22
N ALA A 68 -14.29 17.00 13.40
CA ALA A 68 -15.54 16.79 12.66
C ALA A 68 -16.16 15.46 13.05
N THR A 69 -17.49 15.42 12.98
CA THR A 69 -18.26 14.21 13.21
C THR A 69 -19.31 14.11 12.13
N LEU A 70 -19.31 13.01 11.38
CA LEU A 70 -20.20 12.81 10.25
C LEU A 70 -21.26 11.78 10.60
N THR A 71 -22.54 12.17 10.46
CA THR A 71 -23.66 11.28 10.69
C THR A 71 -24.61 11.38 9.50
N SER A 72 -25.66 10.57 9.51
CA SER A 72 -26.62 10.55 8.40
C SER A 72 -27.98 10.10 8.90
N ASP A 73 -29.00 10.38 8.09
CA ASP A 73 -30.37 9.96 8.35
C ASP A 73 -30.98 9.50 7.04
N LYS A 74 -31.15 8.18 6.88
CA LYS A 74 -31.64 7.66 5.62
C LYS A 74 -33.11 7.96 5.41
N SER A 75 -33.89 8.11 6.49
CA SER A 75 -35.31 8.35 6.35
C SER A 75 -35.59 9.66 5.62
N SER A 76 -34.70 10.65 5.76
CA SER A 76 -34.89 11.95 5.15
C SER A 76 -33.81 12.31 4.14
N SER A 77 -32.88 11.40 3.85
CA SER A 77 -31.83 11.64 2.87
C SER A 77 -31.04 12.89 3.22
N THR A 78 -30.61 12.98 4.47
CA THR A 78 -29.93 14.15 5.00
C THR A 78 -28.60 13.74 5.62
N ALA A 79 -27.53 14.44 5.25
CA ALA A 79 -26.22 14.26 5.85
C ALA A 79 -25.95 15.39 6.83
N TYR A 80 -25.16 15.08 7.86
CA TYR A 80 -24.85 16.03 8.92
C TYR A 80 -23.36 16.04 9.20
N MET A 81 -22.84 17.22 9.52
CA MET A 81 -21.47 17.38 9.99
C MET A 81 -21.49 18.33 11.19
N GLU A 82 -20.82 17.92 12.27
CA GLU A 82 -20.73 18.72 13.49
C GLU A 82 -19.28 19.07 13.76
N LEU A 83 -19.02 20.35 14.03
CA LEU A 83 -17.69 20.82 14.40
C LEU A 83 -17.69 21.19 15.88
N SER A 84 -16.59 20.89 16.55
CA SER A 84 -16.49 21.06 18.00
C SER A 84 -15.28 21.94 18.34
N SER A 85 -15.45 22.77 19.37
CA SER A 85 -14.39 23.65 19.87
C SER A 85 -13.81 24.52 18.74
N LEU A 86 -14.68 25.38 18.23
CA LEU A 86 -14.34 26.18 17.05
C LEU A 86 -13.40 27.33 17.43
N ALA A 87 -12.40 27.55 16.59
CA ALA A 87 -11.46 28.65 16.71
C ALA A 87 -11.59 29.56 15.50
N SER A 88 -10.71 30.55 15.40
CA SER A 88 -10.75 31.47 14.27
C SER A 88 -10.43 30.77 12.97
N GLU A 89 -9.51 29.81 13.01
CA GLU A 89 -9.10 29.12 11.78
C GLU A 89 -10.24 28.31 11.16
N ASP A 90 -11.29 28.00 11.92
CA ASP A 90 -12.40 27.21 11.41
C ASP A 90 -13.44 28.05 10.68
N SER A 91 -13.20 29.35 10.50
CA SER A 91 -14.10 30.20 9.73
C SER A 91 -13.85 29.95 8.26
N ALA A 92 -14.83 29.39 7.56
CA ALA A 92 -14.66 29.03 6.16
C ALA A 92 -16.00 28.56 5.61
N VAL A 93 -16.02 28.32 4.29
CA VAL A 93 -17.17 27.73 3.63
C VAL A 93 -17.00 26.22 3.64
N TYR A 94 -18.08 25.50 3.91
CA TYR A 94 -18.08 24.04 4.00
C TYR A 94 -19.07 23.48 2.99
N TYR A 95 -18.58 22.64 2.09
CA TYR A 95 -19.40 22.04 1.05
C TYR A 95 -19.69 20.58 1.37
N CYS A 96 -20.79 20.08 0.84
CA CYS A 96 -21.09 18.65 0.79
C CYS A 96 -21.05 18.20 -0.66
N ALA A 97 -20.50 17.02 -0.91
CA ALA A 97 -20.33 16.51 -2.26
C ALA A 97 -20.57 15.01 -2.29
N ARG A 98 -21.24 14.55 -3.35
CA ARG A 98 -21.56 13.15 -3.54
C ARG A 98 -20.57 12.50 -4.50
N GLY A 99 -20.34 11.20 -4.31
CA GLY A 99 -19.47 10.44 -5.17
C GLY A 99 -20.02 9.08 -5.51
N GLY A 100 -19.33 8.03 -5.06
CA GLY A 100 -19.78 6.67 -5.26
C GLY A 100 -19.51 5.82 -4.04
N ASN A 101 -18.53 4.93 -4.13
CA ASN A 101 -18.11 4.10 -2.98
C ASN A 101 -16.65 3.72 -3.17
N PRO A 102 -15.73 4.68 -3.05
CA PRO A 102 -15.94 6.11 -2.80
C PRO A 102 -15.96 6.95 -4.07
N ALA A 103 -15.28 6.51 -5.13
CA ALA A 103 -15.30 7.18 -6.43
C ALA A 103 -14.76 8.61 -6.28
N TRP A 104 -15.30 9.54 -7.05
CA TRP A 104 -14.83 10.93 -7.09
C TRP A 104 -16.01 11.87 -6.87
N PHE A 105 -15.69 13.14 -6.61
CA PHE A 105 -16.73 14.16 -6.45
C PHE A 105 -17.47 14.37 -7.76
N ALA A 106 -18.79 14.25 -7.72
CA ALA A 106 -19.63 14.42 -8.90
C ALA A 106 -20.66 15.54 -8.77
N TYR A 107 -21.16 15.80 -7.57
CA TYR A 107 -22.14 16.85 -7.34
C TYR A 107 -21.77 17.60 -6.06
N TRP A 108 -22.01 18.91 -6.06
CA TRP A 108 -21.61 19.77 -4.97
C TRP A 108 -22.81 20.56 -4.46
N GLY A 109 -22.77 20.88 -3.16
CA GLY A 109 -23.76 21.77 -2.57
C GLY A 109 -23.35 23.23 -2.68
N GLN A 110 -24.29 24.10 -2.32
CA GLN A 110 -24.06 25.53 -2.47
C GLN A 110 -23.12 26.10 -1.42
N GLY A 111 -22.86 25.37 -0.34
CA GLY A 111 -21.92 25.79 0.68
C GLY A 111 -22.61 26.41 1.88
N THR A 112 -21.91 26.37 3.01
CA THR A 112 -22.38 26.95 4.26
C THR A 112 -21.24 27.75 4.88
N LEU A 113 -21.44 29.05 5.04
CA LEU A 113 -20.42 29.94 5.58
C LEU A 113 -20.52 29.96 7.10
N VAL A 114 -19.42 29.64 7.78
CA VAL A 114 -19.36 29.60 9.23
C VAL A 114 -18.44 30.73 9.69
N THR A 115 -18.94 31.56 10.60
CA THR A 115 -18.17 32.66 11.17
C THR A 115 -17.98 32.40 12.66
N VAL A 116 -16.73 32.37 13.10
CA VAL A 116 -16.39 32.16 14.50
C VAL A 116 -15.96 33.51 15.07
N SER A 117 -16.76 34.04 16.00
CA SER A 117 -16.48 35.34 16.59
C SER A 117 -17.38 35.54 17.79
N ALA A 118 -16.90 36.31 18.75
CA ALA A 118 -17.68 36.69 19.92
C ALA A 118 -18.40 38.02 19.73
N ALA A 119 -18.24 38.67 18.58
CA ALA A 119 -18.88 39.95 18.33
C ALA A 119 -20.38 39.77 18.14
N LYS A 120 -21.15 40.69 18.69
CA LYS A 120 -22.60 40.62 18.58
C LYS A 120 -23.02 40.80 17.11
N THR A 121 -24.29 40.50 16.85
CA THR A 121 -24.85 40.62 15.52
C THR A 121 -25.40 42.02 15.30
N THR A 122 -25.30 42.50 14.06
CA THR A 122 -25.80 43.81 13.68
C THR A 122 -26.51 43.68 12.33
N ALA A 123 -27.81 43.98 12.33
CA ALA A 123 -28.58 43.90 11.10
C ALA A 123 -28.25 45.08 10.20
N PRO A 124 -28.35 44.91 8.88
CA PRO A 124 -27.99 45.99 7.96
C PRO A 124 -29.03 47.11 7.96
N SER A 125 -28.66 48.20 7.31
CA SER A 125 -29.57 49.32 7.03
C SER A 125 -29.63 49.47 5.53
N VAL A 126 -30.79 49.18 4.95
CA VAL A 126 -30.97 49.19 3.49
C VAL A 126 -31.47 50.55 3.07
N TYR A 127 -30.91 51.08 1.98
CA TYR A 127 -31.27 52.38 1.45
C TYR A 127 -31.46 52.28 -0.05
N PRO A 128 -32.56 52.80 -0.60
CA PRO A 128 -32.72 52.78 -2.06
C PRO A 128 -31.93 53.90 -2.71
N LEU A 129 -31.28 53.56 -3.83
CA LEU A 129 -30.48 54.50 -4.61
C LEU A 129 -31.23 54.81 -5.89
N ALA A 130 -31.84 55.99 -5.95
CA ALA A 130 -32.59 56.46 -7.11
C ALA A 130 -31.84 57.59 -7.80
N PRO A 131 -32.08 57.78 -9.11
CA PRO A 131 -31.37 58.85 -9.83
C PRO A 131 -31.75 60.25 -9.35
N VAL A 132 -31.25 61.26 -10.05
CA VAL A 132 -31.50 62.65 -9.68
C VAL A 132 -32.66 63.20 -10.49
N GLY A 138 -31.15 59.30 -21.05
CA GLY A 138 -32.26 58.65 -21.70
C GLY A 138 -31.88 57.36 -22.40
N SER A 139 -32.85 56.48 -22.60
CA SER A 139 -32.74 55.18 -23.25
C SER A 139 -32.09 54.14 -22.33
N SER A 140 -31.60 54.53 -21.15
CA SER A 140 -30.97 53.59 -20.23
C SER A 140 -30.82 54.21 -18.85
N VAL A 141 -31.40 53.58 -17.84
CA VAL A 141 -31.41 54.10 -16.48
C VAL A 141 -30.84 53.03 -15.55
N THR A 142 -30.11 53.47 -14.53
CA THR A 142 -29.51 52.57 -13.55
C THR A 142 -30.05 52.90 -12.16
N LEU A 143 -30.31 51.85 -11.38
CA LEU A 143 -30.79 51.98 -10.02
C LEU A 143 -29.92 51.10 -9.12
N GLY A 144 -29.80 51.49 -7.86
CA GLY A 144 -28.93 50.81 -6.92
C GLY A 144 -29.63 50.54 -5.59
N CYS A 145 -28.90 49.85 -4.72
CA CYS A 145 -29.42 49.44 -3.41
C CYS A 145 -28.21 49.28 -2.50
N LEU A 146 -28.26 49.93 -1.33
CA LEU A 146 -27.11 50.02 -0.43
C LEU A 146 -27.42 49.27 0.85
N VAL A 147 -26.58 48.29 1.18
CA VAL A 147 -26.67 47.52 2.42
C VAL A 147 -25.49 47.93 3.28
N LYS A 148 -25.75 48.72 4.32
CA LYS A 148 -24.71 49.39 5.08
C LYS A 148 -24.70 48.93 6.53
N GLY A 149 -23.51 48.62 7.04
CA GLY A 149 -23.31 48.38 8.46
C GLY A 149 -23.99 47.14 8.99
N TYR A 150 -23.41 45.97 8.72
CA TYR A 150 -23.95 44.72 9.23
C TYR A 150 -22.80 43.80 9.62
N PHE A 151 -23.13 42.76 10.37
CA PHE A 151 -22.15 41.75 10.77
C PHE A 151 -22.87 40.52 11.30
N PRO A 152 -22.43 39.30 10.95
CA PRO A 152 -21.34 38.95 10.03
C PRO A 152 -21.83 38.70 8.62
N GLU A 153 -21.00 38.11 7.78
CA GLU A 153 -21.42 37.67 6.47
C GLU A 153 -22.14 36.32 6.58
N PRO A 154 -22.94 35.93 5.58
CA PRO A 154 -23.21 36.62 4.32
C PRO A 154 -24.51 37.41 4.31
N VAL A 155 -24.84 38.00 3.16
CA VAL A 155 -26.10 38.70 2.94
C VAL A 155 -26.63 38.25 1.58
N THR A 156 -27.96 38.27 1.45
CA THR A 156 -28.63 37.89 0.21
C THR A 156 -29.33 39.11 -0.37
N LEU A 157 -29.13 39.35 -1.67
CA LEU A 157 -29.72 40.48 -2.37
C LEU A 157 -30.30 39.98 -3.69
N THR A 158 -31.56 40.33 -3.95
CA THR A 158 -32.22 39.97 -5.20
C THR A 158 -33.05 41.16 -5.67
N TRP A 159 -33.35 41.16 -6.97
CA TRP A 159 -34.15 42.21 -7.60
C TRP A 159 -35.47 41.62 -8.05
N ASN A 160 -36.58 42.16 -7.51
CA ASN A 160 -37.92 41.68 -7.84
C ASN A 160 -38.05 40.19 -7.59
N SER A 161 -37.50 39.74 -6.46
CA SER A 161 -37.60 38.34 -6.04
C SER A 161 -37.08 37.41 -7.13
N GLY A 162 -35.92 37.76 -7.70
CA GLY A 162 -35.29 36.94 -8.71
C GLY A 162 -35.80 37.15 -10.12
N SER A 163 -36.95 37.81 -10.30
CA SER A 163 -37.47 38.03 -11.64
C SER A 163 -36.51 38.84 -12.49
N LEU A 164 -35.69 39.68 -11.87
CA LEU A 164 -34.72 40.53 -12.56
C LEU A 164 -33.33 39.96 -12.30
N SER A 165 -32.71 39.42 -13.34
CA SER A 165 -31.39 38.81 -13.24
C SER A 165 -30.37 39.42 -14.18
N SER A 166 -30.78 39.88 -15.36
CA SER A 166 -29.84 40.42 -16.33
C SER A 166 -29.46 41.85 -15.98
N GLY A 167 -28.22 42.19 -16.27
CA GLY A 167 -27.72 43.54 -16.03
C GLY A 167 -27.65 43.93 -14.57
N VAL A 168 -27.24 43.00 -13.71
CA VAL A 168 -27.13 43.25 -12.27
C VAL A 168 -25.66 43.12 -11.88
N HIS A 169 -25.20 44.03 -11.03
CA HIS A 169 -23.82 44.03 -10.53
C HIS A 169 -23.87 44.10 -9.01
N THR A 170 -23.62 42.97 -8.36
CA THR A 170 -23.50 42.92 -6.91
C THR A 170 -22.02 42.99 -6.53
N PHE A 171 -21.68 43.92 -5.65
CA PHE A 171 -20.28 44.14 -5.33
C PHE A 171 -19.89 43.44 -4.04
N PRO A 172 -18.67 42.91 -3.95
CA PRO A 172 -18.27 42.22 -2.71
C PRO A 172 -18.33 43.16 -1.51
N ALA A 173 -18.58 42.56 -0.34
CA ALA A 173 -18.63 43.32 0.90
C ALA A 173 -17.25 43.85 1.27
N VAL A 174 -17.23 44.97 1.99
CA VAL A 174 -16.01 45.62 2.43
C VAL A 174 -16.10 45.86 3.94
N LEU A 175 -15.07 45.48 4.67
CA LEU A 175 -15.03 45.67 6.12
C LEU A 175 -14.53 47.07 6.44
N GLN A 176 -15.21 47.72 7.39
CA GLN A 176 -14.85 49.06 7.80
C GLN A 176 -15.53 49.37 9.12
N SER A 177 -14.77 49.90 10.07
CA SER A 177 -15.29 50.22 11.41
C SER A 177 -15.93 48.99 12.05
N ASP A 178 -15.30 47.83 11.86
CA ASP A 178 -15.78 46.58 12.45
C ASP A 178 -17.18 46.20 11.95
N LEU A 179 -17.49 46.59 10.71
CA LEU A 179 -18.78 46.25 10.12
C LEU A 179 -18.62 46.13 8.61
N TYR A 180 -19.52 45.39 7.99
CA TYR A 180 -19.50 45.15 6.56
C TYR A 180 -20.50 46.04 5.84
N THR A 181 -20.26 46.27 4.55
CA THR A 181 -21.13 47.08 3.73
C THR A 181 -21.11 46.55 2.30
N LEU A 182 -22.27 46.56 1.66
CA LEU A 182 -22.44 45.98 0.33
C LEU A 182 -23.35 46.88 -0.49
N SER A 183 -23.24 46.74 -1.81
CA SER A 183 -24.06 47.52 -2.73
C SER A 183 -24.30 46.71 -3.98
N SER A 184 -25.36 47.06 -4.70
CA SER A 184 -25.71 46.38 -5.94
C SER A 184 -26.41 47.36 -6.87
N SER A 185 -26.14 47.21 -8.17
CA SER A 185 -26.71 48.07 -9.20
C SER A 185 -27.40 47.21 -10.24
N VAL A 186 -28.36 47.81 -10.94
CA VAL A 186 -29.13 47.12 -11.98
C VAL A 186 -29.51 48.14 -13.04
N THR A 187 -29.26 47.81 -14.30
CA THR A 187 -29.57 48.68 -15.43
C THR A 187 -30.74 48.09 -16.21
N VAL A 188 -31.68 48.96 -16.57
CA VAL A 188 -32.87 48.59 -17.33
C VAL A 188 -33.10 49.64 -18.40
N THR A 189 -34.17 49.45 -19.17
CA THR A 189 -34.56 50.41 -20.20
C THR A 189 -35.42 51.50 -19.59
N SER A 190 -35.27 52.72 -20.12
CA SER A 190 -36.04 53.85 -19.61
C SER A 190 -37.54 53.63 -19.75
N SER A 191 -37.96 52.68 -20.58
CA SER A 191 -39.37 52.33 -20.69
C SER A 191 -39.84 51.41 -19.57
N THR A 192 -38.92 50.77 -18.86
CA THR A 192 -39.25 49.83 -17.80
C THR A 192 -39.33 50.48 -16.42
N TRP A 193 -38.84 51.70 -16.27
CA TRP A 193 -38.90 52.43 -15.01
C TRP A 193 -39.06 53.91 -15.36
N PRO A 194 -39.81 54.69 -14.56
CA PRO A 194 -40.53 54.32 -13.33
C PRO A 194 -41.89 53.62 -13.51
N SER A 195 -42.31 53.28 -14.72
CA SER A 195 -43.61 52.65 -14.89
C SER A 195 -43.66 51.29 -14.22
N GLN A 196 -42.69 50.43 -14.52
CA GLN A 196 -42.62 49.08 -13.97
C GLN A 196 -41.84 49.10 -12.67
N SER A 197 -42.40 48.50 -11.62
CA SER A 197 -41.83 48.62 -10.28
C SER A 197 -40.59 47.74 -10.13
N ILE A 198 -39.50 48.34 -9.67
CA ILE A 198 -38.26 47.63 -9.35
C ILE A 198 -38.07 47.70 -7.84
N THR A 199 -37.83 46.55 -7.22
CA THR A 199 -37.72 46.46 -5.77
C THR A 199 -36.45 45.70 -5.38
N CYS A 200 -35.87 46.11 -4.25
CA CYS A 200 -34.67 45.49 -3.69
C CYS A 200 -35.07 44.62 -2.49
N ASN A 201 -34.58 43.38 -2.47
CA ASN A 201 -34.88 42.43 -1.41
C ASN A 201 -33.56 42.02 -0.74
N VAL A 202 -33.47 42.25 0.57
CA VAL A 202 -32.26 41.93 1.33
C VAL A 202 -32.62 40.95 2.44
N ALA A 203 -31.65 40.12 2.80
CA ALA A 203 -31.83 39.16 3.89
C ALA A 203 -30.50 38.97 4.62
N HIS A 204 -30.58 38.94 5.95
CA HIS A 204 -29.41 38.78 6.82
C HIS A 204 -29.68 37.64 7.78
N PRO A 205 -29.17 36.44 7.51
CA PRO A 205 -29.53 35.29 8.36
C PRO A 205 -29.15 35.47 9.82
N ALA A 206 -27.99 36.05 10.10
CA ALA A 206 -27.51 36.12 11.48
C ALA A 206 -28.47 36.92 12.36
N SER A 207 -29.02 38.00 11.82
CA SER A 207 -29.96 38.84 12.56
C SER A 207 -31.41 38.41 12.37
N SER A 208 -31.68 37.44 11.49
CA SER A 208 -33.04 37.00 11.19
C SER A 208 -33.90 38.18 10.73
N THR A 209 -33.43 38.82 9.66
CA THR A 209 -34.08 40.01 9.14
C THR A 209 -34.19 39.90 7.62
N LYS A 210 -35.24 40.52 7.09
CA LYS A 210 -35.46 40.58 5.64
C LYS A 210 -36.26 41.85 5.34
N VAL A 211 -35.85 42.57 4.31
CA VAL A 211 -36.41 43.88 3.99
C VAL A 211 -36.65 43.97 2.49
N ASP A 212 -37.70 44.69 2.12
CA ASP A 212 -38.05 44.95 0.72
C ASP A 212 -38.18 46.45 0.53
N LYS A 213 -37.20 47.06 -0.14
CA LYS A 213 -37.16 48.49 -0.37
C LYS A 213 -37.45 48.75 -1.85
N LYS A 214 -38.59 49.38 -2.12
CA LYS A 214 -38.98 49.68 -3.49
C LYS A 214 -38.27 50.95 -3.97
N ILE A 215 -37.73 50.89 -5.19
CA ILE A 215 -37.05 52.04 -5.78
C ILE A 215 -38.11 53.01 -6.30
N SER A 216 -38.24 54.14 -5.63
CA SER A 216 -39.25 55.14 -5.96
C SER A 216 -38.61 56.38 -6.55
N ALA A 217 -39.34 57.03 -7.46
CA ALA A 217 -38.86 58.24 -8.10
C ALA A 217 -38.89 59.42 -7.13
N ASN B 1 -2.50 11.69 -0.15
CA ASN B 1 -1.13 11.16 0.04
C ASN B 1 -0.25 11.40 -1.19
N ILE B 2 -0.88 11.88 -2.27
CA ILE B 2 -0.18 12.23 -3.50
C ILE B 2 -0.38 13.72 -3.73
N MET B 3 0.74 14.44 -3.88
CA MET B 3 0.72 15.90 -3.97
C MET B 3 0.54 16.34 -5.41
N MET B 4 -0.39 17.27 -5.63
CA MET B 4 -0.66 17.83 -6.95
C MET B 4 -0.09 19.24 -7.02
N THR B 5 0.40 19.62 -8.19
CA THR B 5 1.03 20.91 -8.40
C THR B 5 0.65 21.44 -9.78
N GLN B 6 -0.01 22.58 -9.81
CA GLN B 6 -0.38 23.24 -11.06
C GLN B 6 0.61 24.37 -11.34
N SER B 7 1.10 24.43 -12.58
CA SER B 7 2.18 25.35 -12.92
C SER B 7 1.68 26.78 -13.06
N PRO B 8 0.73 27.05 -13.95
CA PRO B 8 0.32 28.45 -14.16
C PRO B 8 -0.69 28.91 -13.13
N SER B 9 -0.24 29.67 -12.13
CA SER B 9 -1.16 30.17 -11.12
C SER B 9 -2.15 31.16 -11.72
N SER B 10 -1.67 32.01 -12.63
CA SER B 10 -2.52 32.96 -13.33
C SER B 10 -2.10 32.97 -14.79
N LEU B 11 -3.08 33.08 -15.68
CA LEU B 11 -2.81 33.13 -17.11
C LEU B 11 -3.98 33.85 -17.78
N ALA B 12 -3.67 34.57 -18.85
CA ALA B 12 -4.64 35.38 -19.56
C ALA B 12 -4.52 35.17 -21.05
N VAL B 13 -5.67 35.02 -21.72
CA VAL B 13 -5.73 34.85 -23.17
C VAL B 13 -6.88 35.71 -23.70
N SER B 14 -6.85 35.93 -25.00
CA SER B 14 -7.92 36.67 -25.66
C SER B 14 -9.12 35.77 -25.94
N ALA B 15 -10.29 36.39 -26.05
CA ALA B 15 -11.50 35.65 -26.33
C ALA B 15 -11.40 35.00 -27.71
N GLY B 16 -11.63 33.69 -27.75
CA GLY B 16 -11.60 32.95 -29.00
C GLY B 16 -10.32 32.19 -29.27
N GLU B 17 -9.37 32.19 -28.33
CA GLU B 17 -8.12 31.47 -28.48
C GLU B 17 -8.07 30.29 -27.52
N LYS B 18 -7.16 29.36 -27.80
CA LYS B 18 -7.03 28.13 -27.03
C LYS B 18 -6.14 28.38 -25.81
N VAL B 19 -6.31 27.51 -24.81
CA VAL B 19 -5.57 27.60 -23.55
C VAL B 19 -5.16 26.21 -23.11
N THR B 20 -4.06 26.15 -22.36
CA THR B 20 -3.53 24.89 -21.84
C THR B 20 -2.99 25.11 -20.44
N MET B 21 -3.36 24.20 -19.53
CA MET B 21 -2.93 24.25 -18.13
C MET B 21 -2.35 22.90 -17.75
N SER B 22 -1.40 22.93 -16.81
CA SER B 22 -0.68 21.73 -16.41
C SER B 22 -0.97 21.36 -14.97
N CYS B 23 -0.99 20.05 -14.70
CA CYS B 23 -1.09 19.50 -13.35
C CYS B 23 -0.06 18.38 -13.23
N LYS B 24 0.87 18.54 -12.27
CA LYS B 24 1.94 17.57 -12.06
C LYS B 24 1.77 16.94 -10.68
N SER B 25 1.72 15.61 -10.64
CA SER B 25 1.58 14.87 -9.40
C SER B 25 2.93 14.31 -8.96
N SER B 26 3.13 14.25 -7.64
CA SER B 26 4.39 13.71 -7.11
C SER B 26 4.55 12.25 -7.49
N GLN B 27 3.56 11.43 -7.19
CA GLN B 27 3.57 10.02 -7.55
C GLN B 27 2.63 9.78 -8.74
N SER B 28 2.73 8.59 -9.32
CA SER B 28 1.88 8.22 -10.44
C SER B 28 0.46 7.94 -9.94
N VAL B 29 -0.52 8.37 -10.71
CA VAL B 29 -1.93 8.16 -10.40
C VAL B 29 -2.56 7.16 -11.37
N LEU B 30 -1.75 6.42 -12.12
CA LEU B 30 -2.24 5.41 -13.05
C LEU B 30 -2.33 4.08 -12.33
N TYR B 31 -3.54 3.53 -12.22
CA TYR B 31 -3.76 2.24 -11.58
C TYR B 31 -3.57 1.13 -12.60
N SER B 32 -2.83 0.09 -12.22
CA SER B 32 -2.44 -0.94 -13.17
C SER B 32 -3.57 -1.93 -13.45
N SER B 33 -4.47 -2.15 -12.49
CA SER B 33 -5.53 -3.13 -12.67
C SER B 33 -6.45 -2.74 -13.82
N ASN B 34 -7.05 -1.54 -13.73
CA ASN B 34 -7.98 -1.07 -14.75
C ASN B 34 -7.33 -0.16 -15.78
N GLN B 35 -6.06 0.21 -15.60
CA GLN B 35 -5.34 1.07 -16.53
C GLN B 35 -6.03 2.42 -16.67
N LYS B 36 -6.36 3.04 -15.54
CA LYS B 36 -7.03 4.32 -15.50
C LYS B 36 -6.22 5.29 -14.64
N ASN B 37 -6.28 6.57 -15.02
CA ASN B 37 -5.64 7.64 -14.27
C ASN B 37 -6.68 8.28 -13.34
N TYR B 38 -6.43 8.18 -12.03
CA TYR B 38 -7.36 8.68 -11.02
C TYR B 38 -7.17 10.19 -10.85
N LEU B 39 -7.54 10.93 -11.89
CA LEU B 39 -7.40 12.37 -11.93
C LEU B 39 -8.69 13.00 -12.41
N ALA B 40 -9.03 14.15 -11.83
CA ALA B 40 -10.25 14.88 -12.17
C ALA B 40 -9.97 16.38 -12.17
N TRP B 41 -10.75 17.09 -12.98
CA TRP B 41 -10.65 18.54 -13.10
C TRP B 41 -11.97 19.17 -12.70
N TYR B 42 -11.90 20.25 -11.92
CA TYR B 42 -13.08 20.94 -11.44
C TYR B 42 -12.96 22.43 -11.72
N GLN B 43 -14.11 23.06 -11.99
CA GLN B 43 -14.20 24.48 -12.29
C GLN B 43 -14.97 25.17 -11.16
N GLN B 44 -14.56 26.40 -10.84
CA GLN B 44 -15.23 27.20 -9.82
C GLN B 44 -15.30 28.64 -10.30
N LYS B 45 -16.48 29.04 -10.77
CA LYS B 45 -16.72 30.41 -11.18
C LYS B 45 -16.87 31.30 -9.95
N PRO B 46 -16.62 32.60 -10.09
CA PRO B 46 -16.71 33.50 -8.92
C PRO B 46 -18.09 33.44 -8.28
N GLY B 47 -18.10 33.10 -6.99
CA GLY B 47 -19.32 33.06 -6.22
C GLY B 47 -20.11 31.78 -6.27
N GLN B 48 -19.56 30.72 -6.86
CA GLN B 48 -20.26 29.44 -7.00
C GLN B 48 -19.40 28.33 -6.41
N SER B 49 -19.96 27.14 -6.36
CA SER B 49 -19.28 25.94 -5.88
C SER B 49 -18.53 25.28 -7.02
N PRO B 50 -17.62 24.37 -6.71
CA PRO B 50 -16.91 23.64 -7.78
C PRO B 50 -17.89 22.83 -8.63
N LYS B 51 -17.45 22.54 -9.86
CA LYS B 51 -18.23 21.74 -10.79
C LYS B 51 -17.31 20.74 -11.48
N LEU B 52 -17.78 19.49 -11.58
CA LEU B 52 -16.97 18.45 -12.21
C LEU B 52 -16.92 18.68 -13.72
N LEU B 53 -15.70 18.68 -14.26
CA LEU B 53 -15.47 18.82 -15.69
C LEU B 53 -15.02 17.51 -16.32
N ILE B 54 -13.93 16.92 -15.81
CA ILE B 54 -13.32 15.74 -16.40
C ILE B 54 -12.98 14.74 -15.30
N TYR B 55 -13.10 13.46 -15.63
CA TYR B 55 -12.65 12.39 -14.74
C TYR B 55 -11.94 11.34 -15.59
N TRP B 56 -11.19 10.47 -14.91
CA TRP B 56 -10.30 9.51 -15.58
C TRP B 56 -9.31 10.23 -16.49
N ALA B 57 -8.96 11.48 -16.14
CA ALA B 57 -7.96 12.26 -16.84
C ALA B 57 -8.47 12.81 -18.18
N SER B 58 -9.20 12.01 -18.93
CA SER B 58 -9.67 12.41 -20.25
C SER B 58 -11.18 12.29 -20.45
N THR B 59 -11.90 11.53 -19.63
CA THR B 59 -13.33 11.34 -19.84
C THR B 59 -14.08 12.59 -19.44
N ARG B 60 -14.88 13.12 -20.37
CA ARG B 60 -15.65 14.34 -20.16
C ARG B 60 -17.01 14.01 -19.56
N GLU B 61 -17.33 14.66 -18.44
CA GLU B 61 -18.63 14.46 -17.80
C GLU B 61 -19.75 14.99 -18.70
N SER B 62 -20.92 14.37 -18.59
CA SER B 62 -22.06 14.79 -19.37
C SER B 62 -22.48 16.21 -19.02
N GLY B 63 -23.02 16.91 -20.02
CA GLY B 63 -23.52 18.25 -19.85
C GLY B 63 -22.50 19.37 -19.95
N VAL B 64 -21.21 19.05 -19.89
CA VAL B 64 -20.16 20.08 -19.99
C VAL B 64 -19.89 20.33 -21.46
N PRO B 65 -19.60 21.57 -21.87
CA PRO B 65 -19.34 21.82 -23.29
C PRO B 65 -18.18 20.99 -23.82
N ASP B 66 -18.12 20.91 -25.15
CA ASP B 66 -17.07 20.14 -25.83
C ASP B 66 -15.76 20.89 -25.95
N ARG B 67 -15.70 22.14 -25.50
CA ARG B 67 -14.46 22.91 -25.60
C ARG B 67 -13.40 22.37 -24.65
N PHE B 68 -13.80 21.80 -23.52
CA PHE B 68 -12.85 21.28 -22.55
C PHE B 68 -12.43 19.87 -22.93
N THR B 69 -11.12 19.60 -22.80
CA THR B 69 -10.56 18.29 -23.12
C THR B 69 -9.41 18.01 -22.17
N GLY B 70 -9.41 16.82 -21.58
CA GLY B 70 -8.34 16.40 -20.69
C GLY B 70 -7.37 15.46 -21.39
N SER B 71 -6.11 15.51 -20.94
CA SER B 71 -5.08 14.69 -21.54
C SER B 71 -3.96 14.47 -20.52
N GLY B 72 -3.17 13.43 -20.77
CA GLY B 72 -2.05 13.09 -19.92
C GLY B 72 -2.18 11.69 -19.35
N SER B 73 -1.14 11.29 -18.63
CA SER B 73 -1.10 9.98 -17.99
C SER B 73 0.13 9.90 -17.11
N GLY B 74 0.02 9.12 -16.03
CA GLY B 74 1.12 8.93 -15.12
C GLY B 74 1.24 10.02 -14.08
N THR B 75 1.97 11.08 -14.40
CA THR B 75 2.17 12.20 -13.48
C THR B 75 1.99 13.56 -14.11
N ASP B 76 2.03 13.69 -15.44
CA ASP B 76 1.86 14.96 -16.11
C ASP B 76 0.52 14.96 -16.84
N PHE B 77 -0.32 15.95 -16.53
CA PHE B 77 -1.65 16.04 -17.11
C PHE B 77 -1.91 17.47 -17.54
N THR B 78 -2.84 17.62 -18.48
CA THR B 78 -3.11 18.92 -19.09
C THR B 78 -4.60 19.07 -19.35
N LEU B 79 -5.13 20.25 -19.04
CA LEU B 79 -6.50 20.62 -19.37
C LEU B 79 -6.46 21.71 -20.42
N THR B 80 -7.21 21.52 -21.50
CA THR B 80 -7.19 22.43 -22.65
C THR B 80 -8.60 22.94 -22.94
N ILE B 81 -8.66 24.19 -23.39
CA ILE B 81 -9.91 24.84 -23.79
C ILE B 81 -9.72 25.36 -25.21
N SER B 82 -10.52 24.85 -26.15
CA SER B 82 -10.31 25.18 -27.56
C SER B 82 -10.53 26.66 -27.83
N SER B 83 -11.63 27.22 -27.32
CA SER B 83 -11.95 28.63 -27.54
C SER B 83 -12.56 29.18 -26.26
N VAL B 84 -11.94 30.23 -25.73
CA VAL B 84 -12.34 30.75 -24.42
C VAL B 84 -13.58 31.62 -24.59
N GLN B 85 -14.62 31.30 -23.82
CA GLN B 85 -15.83 32.10 -23.73
C GLN B 85 -15.76 32.99 -22.50
N ALA B 86 -16.58 34.05 -22.50
CA ALA B 86 -16.62 34.95 -21.36
C ALA B 86 -16.95 34.22 -20.07
N GLU B 87 -17.82 33.20 -20.14
CA GLU B 87 -18.21 32.48 -18.95
C GLU B 87 -17.07 31.62 -18.39
N ASP B 88 -16.06 31.31 -19.20
CA ASP B 88 -14.99 30.43 -18.75
C ASP B 88 -14.13 31.04 -17.64
N LEU B 89 -14.33 32.33 -17.33
CA LEU B 89 -13.62 32.95 -16.22
C LEU B 89 -13.90 32.18 -14.93
N ALA B 90 -12.88 31.54 -14.38
CA ALA B 90 -13.04 30.72 -13.18
C ALA B 90 -11.67 30.25 -12.72
N VAL B 91 -11.66 29.54 -11.60
CA VAL B 91 -10.47 28.87 -11.08
C VAL B 91 -10.65 27.38 -11.29
N TYR B 92 -9.59 26.72 -11.74
CA TYR B 92 -9.65 25.30 -12.10
C TYR B 92 -8.68 24.52 -11.23
N TYR B 93 -9.20 23.51 -10.52
CA TYR B 93 -8.40 22.65 -9.67
C TYR B 93 -8.29 21.27 -10.30
N CYS B 94 -7.13 20.64 -10.17
CA CYS B 94 -6.95 19.23 -10.50
C CYS B 94 -6.97 18.43 -9.20
N HIS B 95 -7.49 17.20 -9.29
CA HIS B 95 -7.78 16.40 -8.10
C HIS B 95 -7.37 14.96 -8.33
N GLN B 96 -6.70 14.37 -7.33
CA GLN B 96 -6.33 12.97 -7.33
C GLN B 96 -7.18 12.23 -6.29
N TYR B 97 -7.63 11.04 -6.64
CA TYR B 97 -8.50 10.26 -5.75
C TYR B 97 -8.09 8.78 -5.76
N LEU B 98 -6.79 8.51 -5.85
CA LEU B 98 -6.28 7.15 -5.77
C LEU B 98 -5.78 6.80 -4.37
N SER B 99 -4.94 7.67 -3.80
CA SER B 99 -4.44 7.51 -2.43
C SER B 99 -4.93 8.72 -1.65
N SER B 100 -6.04 8.55 -0.93
CA SER B 100 -6.68 9.66 -0.23
C SER B 100 -7.21 10.66 -1.25
N TYR B 101 -7.48 11.88 -0.82
CA TYR B 101 -8.07 12.91 -1.66
C TYR B 101 -7.31 14.20 -1.46
N THR B 102 -6.57 14.62 -2.49
CA THR B 102 -5.76 15.83 -2.45
C THR B 102 -6.06 16.70 -3.65
N PHE B 103 -5.97 18.01 -3.45
CA PHE B 103 -6.29 18.99 -4.47
C PHE B 103 -5.03 19.72 -4.93
N GLY B 104 -5.13 20.37 -6.09
CA GLY B 104 -4.07 21.23 -6.57
C GLY B 104 -4.25 22.65 -6.07
N GLY B 105 -3.26 23.48 -6.41
CA GLY B 105 -3.29 24.86 -5.96
C GLY B 105 -4.35 25.69 -6.66
N GLY B 106 -4.72 25.30 -7.87
CA GLY B 106 -5.68 26.05 -8.64
C GLY B 106 -5.02 26.99 -9.63
N THR B 107 -5.73 27.28 -10.71
CA THR B 107 -5.24 28.17 -11.75
C THR B 107 -6.32 29.17 -12.09
N LYS B 108 -5.98 30.46 -12.04
CA LYS B 108 -6.92 31.53 -12.36
C LYS B 108 -6.77 31.91 -13.83
N LEU B 109 -7.90 32.03 -14.51
CA LEU B 109 -7.95 32.36 -15.93
C LEU B 109 -8.54 33.76 -16.12
N GLU B 110 -7.81 34.61 -16.83
CA GLU B 110 -8.27 35.95 -17.15
C GLU B 110 -8.58 36.03 -18.65
N ILE B 111 -9.56 36.86 -19.00
CA ILE B 111 -10.02 36.99 -20.37
C ILE B 111 -9.56 38.34 -20.89
N LYS B 112 -8.81 38.34 -21.99
CA LYS B 112 -8.41 39.57 -22.65
C LYS B 112 -9.47 40.01 -23.64
N ARG B 113 -9.76 41.30 -23.66
CA ARG B 113 -10.83 41.84 -24.48
C ARG B 113 -10.48 43.26 -24.89
N ALA B 114 -11.24 43.81 -25.83
CA ALA B 114 -11.00 45.15 -26.32
C ALA B 114 -11.37 46.19 -25.26
N ASP B 115 -10.96 47.43 -25.52
CA ASP B 115 -11.20 48.52 -24.60
C ASP B 115 -12.70 48.80 -24.48
N ALA B 116 -13.09 49.31 -23.31
CA ALA B 116 -14.48 49.62 -23.02
C ALA B 116 -14.53 50.84 -22.12
N ALA B 117 -15.37 51.81 -22.47
CA ALA B 117 -15.44 53.03 -21.68
C ALA B 117 -16.36 52.83 -20.48
N PRO B 118 -16.04 53.43 -19.33
CA PRO B 118 -16.91 53.27 -18.16
C PRO B 118 -18.21 54.04 -18.32
N THR B 119 -19.27 53.48 -17.74
CA THR B 119 -20.58 54.13 -17.66
C THR B 119 -20.79 54.53 -16.20
N VAL B 120 -20.78 55.85 -15.96
CA VAL B 120 -20.78 56.38 -14.60
C VAL B 120 -22.18 56.86 -14.24
N SER B 121 -22.55 56.67 -12.96
CA SER B 121 -23.84 57.10 -12.45
C SER B 121 -23.67 57.48 -10.99
N ILE B 122 -24.25 58.61 -10.60
CA ILE B 122 -24.16 59.12 -9.24
C ILE B 122 -25.54 59.09 -8.61
N PHE B 123 -25.58 58.90 -7.29
CA PHE B 123 -26.85 58.77 -6.56
C PHE B 123 -26.80 59.56 -5.26
N PRO B 124 -27.72 60.50 -5.04
CA PRO B 124 -27.74 61.23 -3.78
C PRO B 124 -28.21 60.35 -2.63
N PRO B 125 -28.14 60.82 -1.40
CA PRO B 125 -28.64 60.03 -0.28
C PRO B 125 -30.15 59.80 -0.39
N SER B 126 -30.62 58.79 0.34
N SER B 126 -30.62 58.79 0.34
CA SER B 126 -32.04 58.45 0.36
CA SER B 126 -32.04 58.45 0.36
C SER B 126 -32.73 59.13 1.52
C SER B 126 -32.74 59.15 1.52
N SER B 127 -34.04 59.39 1.34
CA SER B 127 -34.82 60.03 2.39
C SER B 127 -34.83 59.20 3.66
N GLU B 128 -34.63 57.89 3.54
CA GLU B 128 -34.57 57.03 4.73
C GLU B 128 -33.31 57.33 5.53
N GLN B 129 -32.14 57.29 4.89
CA GLN B 129 -30.90 57.57 5.59
C GLN B 129 -30.87 59.00 6.12
N LEU B 130 -31.50 59.93 5.41
CA LEU B 130 -31.51 61.32 5.84
C LEU B 130 -32.29 61.48 7.15
N THR B 131 -33.47 60.86 7.23
CA THR B 131 -34.25 60.91 8.47
C THR B 131 -33.46 60.34 9.63
N SER B 132 -32.55 59.39 9.37
CA SER B 132 -31.72 58.83 10.42
C SER B 132 -30.55 59.74 10.79
N GLY B 133 -30.19 60.67 9.92
CA GLY B 133 -29.12 61.62 10.19
C GLY B 133 -27.86 61.43 9.39
N GLY B 134 -27.86 60.55 8.39
CA GLY B 134 -26.69 60.29 7.59
C GLY B 134 -26.93 60.60 6.12
N ALA B 135 -25.84 60.65 5.36
CA ALA B 135 -25.91 60.96 3.94
C ALA B 135 -24.78 60.23 3.23
N SER B 136 -25.14 59.36 2.28
CA SER B 136 -24.17 58.60 1.51
C SER B 136 -24.41 58.86 0.03
N VAL B 137 -23.35 59.28 -0.67
CA VAL B 137 -23.39 59.52 -2.11
C VAL B 137 -22.69 58.36 -2.79
N VAL B 138 -23.41 57.64 -3.64
CA VAL B 138 -22.89 56.45 -4.32
C VAL B 138 -22.59 56.79 -5.77
N CYS B 139 -21.52 56.20 -6.29
CA CYS B 139 -21.05 56.45 -7.66
C CYS B 139 -20.72 55.10 -8.28
N PHE B 140 -21.50 54.70 -9.27
CA PHE B 140 -21.33 53.42 -9.94
C PHE B 140 -20.56 53.63 -11.24
N LEU B 141 -19.56 52.78 -11.49
CA LEU B 141 -18.80 52.78 -12.73
C LEU B 141 -18.78 51.34 -13.23
N ASN B 142 -19.56 51.07 -14.28
CA ASN B 142 -19.84 49.72 -14.72
C ASN B 142 -19.32 49.46 -16.13
N ASN B 143 -18.84 48.25 -16.36
CA ASN B 143 -18.50 47.73 -17.68
C ASN B 143 -17.43 48.60 -18.36
N PHE B 144 -16.21 48.45 -17.86
CA PHE B 144 -15.06 49.12 -18.46
C PHE B 144 -13.91 48.14 -18.55
N TYR B 145 -12.92 48.48 -19.38
CA TYR B 145 -11.74 47.66 -19.59
C TYR B 145 -10.67 48.54 -20.20
N PRO B 146 -9.40 48.45 -19.76
CA PRO B 146 -8.85 47.54 -18.75
C PRO B 146 -9.30 47.88 -17.33
N LYS B 147 -8.78 47.16 -16.33
CA LYS B 147 -9.21 47.34 -14.95
C LYS B 147 -8.60 48.56 -14.28
N ASP B 148 -7.47 49.06 -14.78
CA ASP B 148 -6.80 50.20 -14.15
C ASP B 148 -7.69 51.43 -14.18
N ILE B 149 -8.15 51.87 -13.00
CA ILE B 149 -9.02 53.03 -12.90
C ILE B 149 -8.82 53.64 -11.51
N ASN B 150 -8.90 54.97 -11.45
CA ASN B 150 -8.78 55.69 -10.18
C ASN B 150 -9.95 56.65 -10.06
N VAL B 151 -10.60 56.64 -8.91
CA VAL B 151 -11.75 57.51 -8.63
C VAL B 151 -11.40 58.40 -7.45
N LYS B 152 -11.88 59.65 -7.51
CA LYS B 152 -11.64 60.63 -6.47
C LYS B 152 -12.90 61.47 -6.29
N TRP B 153 -13.24 61.74 -5.04
CA TRP B 153 -14.44 62.50 -4.72
C TRP B 153 -14.08 63.97 -4.49
N LYS B 154 -14.97 64.86 -4.91
CA LYS B 154 -14.79 66.29 -4.76
C LYS B 154 -16.07 66.91 -4.22
N ILE B 155 -15.92 67.81 -3.25
CA ILE B 155 -17.03 68.55 -2.67
C ILE B 155 -16.78 70.02 -2.95
N ASP B 156 -17.64 70.62 -3.79
CA ASP B 156 -17.49 72.01 -4.20
C ASP B 156 -16.10 72.25 -4.78
N GLY B 157 -15.61 71.28 -5.56
CA GLY B 157 -14.32 71.38 -6.20
C GLY B 157 -13.14 70.99 -5.34
N SER B 158 -13.35 70.65 -4.07
CA SER B 158 -12.27 70.28 -3.16
C SER B 158 -12.23 68.76 -2.99
N GLU B 159 -11.03 68.20 -3.15
CA GLU B 159 -10.86 66.75 -3.06
C GLU B 159 -11.01 66.27 -1.62
N ARG B 160 -11.72 65.17 -1.43
CA ARG B 160 -11.91 64.55 -0.13
C ARG B 160 -11.35 63.13 -0.18
N GLN B 161 -10.58 62.76 0.85
CA GLN B 161 -9.93 61.47 0.91
C GLN B 161 -10.42 60.57 2.03
N ASN B 162 -11.08 61.11 3.05
CA ASN B 162 -11.56 60.34 4.18
C ASN B 162 -13.03 59.95 3.98
N GLY B 163 -13.42 58.87 4.65
CA GLY B 163 -14.79 58.42 4.59
C GLY B 163 -15.23 57.93 3.23
N VAL B 164 -14.38 57.17 2.55
CA VAL B 164 -14.67 56.63 1.23
C VAL B 164 -14.58 55.11 1.29
N LEU B 165 -15.49 54.43 0.60
CA LEU B 165 -15.54 52.97 0.57
C LEU B 165 -15.68 52.51 -0.88
N ASN B 166 -14.69 51.75 -1.36
CA ASN B 166 -14.67 51.27 -2.73
C ASN B 166 -14.76 49.75 -2.75
N SER B 167 -15.41 49.23 -3.80
CA SER B 167 -15.53 47.80 -4.01
C SER B 167 -15.50 47.50 -5.50
N TRP B 168 -14.80 46.44 -5.87
CA TRP B 168 -14.62 46.06 -7.26
C TRP B 168 -15.16 44.66 -7.51
N THR B 169 -15.60 44.42 -8.74
CA THR B 169 -16.06 43.11 -9.17
C THR B 169 -15.02 42.47 -10.08
N ASP B 170 -15.24 41.20 -10.39
CA ASP B 170 -14.40 40.49 -11.33
C ASP B 170 -14.96 40.64 -12.74
N GLN B 171 -14.26 40.09 -13.72
CA GLN B 171 -14.71 40.18 -15.10
C GLN B 171 -16.09 39.55 -15.24
N ASP B 172 -16.96 40.22 -15.98
CA ASP B 172 -18.32 39.74 -16.17
C ASP B 172 -18.33 38.44 -16.96
N SER B 173 -19.34 37.60 -16.68
CA SER B 173 -19.45 36.32 -17.35
C SER B 173 -19.92 36.45 -18.78
N LYS B 174 -20.49 37.59 -19.16
CA LYS B 174 -20.95 37.84 -20.52
C LYS B 174 -20.14 38.90 -21.24
N ASP B 175 -19.69 39.94 -20.52
CA ASP B 175 -18.96 41.05 -21.11
C ASP B 175 -17.45 40.96 -20.91
N SER B 176 -16.98 40.24 -19.90
CA SER B 176 -15.57 40.21 -19.53
C SER B 176 -15.07 41.61 -19.16
N THR B 177 -15.95 42.42 -18.59
CA THR B 177 -15.63 43.77 -18.16
C THR B 177 -15.67 43.88 -16.65
N TYR B 178 -15.11 44.98 -16.15
CA TYR B 178 -15.03 45.26 -14.71
C TYR B 178 -16.05 46.33 -14.33
N SER B 179 -16.34 46.38 -13.03
CA SER B 179 -17.23 47.38 -12.47
C SER B 179 -16.71 47.77 -11.09
N MET B 180 -17.10 48.97 -10.65
CA MET B 180 -16.63 49.50 -9.38
C MET B 180 -17.71 50.37 -8.78
N SER B 181 -17.78 50.37 -7.44
CA SER B 181 -18.70 51.20 -6.69
C SER B 181 -17.91 52.03 -5.68
N SER B 182 -18.26 53.29 -5.55
CA SER B 182 -17.59 54.22 -4.65
C SER B 182 -18.64 54.97 -3.84
N THR B 183 -18.45 54.99 -2.52
CA THR B 183 -19.42 55.59 -1.61
C THR B 183 -18.71 56.58 -0.69
N LEU B 184 -19.27 57.78 -0.58
CA LEU B 184 -18.78 58.83 0.31
C LEU B 184 -19.84 59.07 1.38
N THR B 185 -19.47 58.87 2.64
CA THR B 185 -20.43 58.92 3.75
C THR B 185 -20.10 60.07 4.68
N LEU B 186 -21.09 60.92 4.94
CA LEU B 186 -20.99 62.03 5.87
C LEU B 186 -22.25 62.04 6.74
N THR B 187 -22.29 62.99 7.67
CA THR B 187 -23.51 63.24 8.43
C THR B 187 -24.44 64.15 7.64
N LYS B 188 -25.71 64.17 8.02
CA LYS B 188 -26.66 65.06 7.38
C LYS B 188 -26.29 66.52 7.61
N ASP B 189 -25.74 66.84 8.77
CA ASP B 189 -25.36 68.22 9.06
C ASP B 189 -24.29 68.70 8.08
N GLU B 190 -23.19 67.95 7.97
CA GLU B 190 -22.13 68.34 7.05
C GLU B 190 -22.58 68.26 5.60
N TYR B 191 -23.43 67.29 5.28
CA TYR B 191 -23.93 67.16 3.92
C TYR B 191 -24.68 68.42 3.49
N GLU B 192 -25.48 69.00 4.38
CA GLU B 192 -26.26 70.18 4.06
C GLU B 192 -25.45 71.47 4.10
N ARG B 193 -24.15 71.40 4.41
CA ARG B 193 -23.28 72.56 4.44
C ARG B 193 -22.51 72.74 3.13
N HIS B 194 -22.84 71.96 2.10
CA HIS B 194 -22.19 72.06 0.80
C HIS B 194 -23.23 71.87 -0.28
N ASN B 195 -22.88 72.27 -1.50
CA ASN B 195 -23.82 72.28 -2.62
C ASN B 195 -23.51 71.23 -3.68
N SER B 196 -22.25 71.04 -4.03
CA SER B 196 -21.87 70.19 -5.15
C SER B 196 -21.11 68.97 -4.67
N TYR B 197 -21.41 67.81 -5.28
CA TYR B 197 -20.74 66.56 -4.97
C TYR B 197 -20.40 65.87 -6.28
N THR B 198 -19.17 65.38 -6.40
CA THR B 198 -18.67 64.86 -7.66
C THR B 198 -17.76 63.67 -7.44
N CYS B 199 -17.93 62.64 -8.27
CA CYS B 199 -16.97 61.53 -8.39
C CYS B 199 -16.28 61.66 -9.74
N GLU B 200 -14.95 61.67 -9.73
CA GLU B 200 -14.13 61.87 -10.92
C GLU B 200 -13.26 60.64 -11.13
N ALA B 201 -13.43 60.00 -12.29
CA ALA B 201 -12.73 58.77 -12.62
C ALA B 201 -11.73 59.00 -13.75
N THR B 202 -10.58 58.33 -13.64
CA THR B 202 -9.51 58.42 -14.63
C THR B 202 -9.32 57.03 -15.24
N HIS B 203 -9.49 56.93 -16.56
CA HIS B 203 -9.39 55.66 -17.27
C HIS B 203 -8.65 55.87 -18.58
N LYS B 204 -8.14 54.76 -19.13
CA LYS B 204 -7.36 54.82 -20.36
C LYS B 204 -8.19 55.23 -21.57
N THR B 205 -9.50 55.01 -21.54
CA THR B 205 -10.34 55.28 -22.70
C THR B 205 -10.60 56.78 -22.91
N SER B 206 -10.09 57.64 -22.04
CA SER B 206 -10.29 59.08 -22.18
C SER B 206 -9.06 59.81 -21.65
N THR B 207 -8.62 60.82 -22.40
CA THR B 207 -7.48 61.61 -21.95
C THR B 207 -7.86 62.54 -20.82
N SER B 208 -9.03 63.18 -20.91
CA SER B 208 -9.54 64.01 -19.84
C SER B 208 -10.34 63.17 -18.85
N PRO B 209 -10.41 63.58 -17.58
CA PRO B 209 -11.11 62.76 -16.60
C PRO B 209 -12.62 62.75 -16.82
N ILE B 210 -13.24 61.65 -16.43
CA ILE B 210 -14.69 61.49 -16.49
C ILE B 210 -15.29 62.10 -15.22
N VAL B 211 -16.22 63.03 -15.39
CA VAL B 211 -16.81 63.78 -14.29
C VAL B 211 -18.30 63.50 -14.23
N LYS B 212 -18.83 63.37 -13.02
CA LYS B 212 -20.25 63.17 -12.80
C LYS B 212 -20.62 63.81 -11.46
N SER B 213 -21.51 64.81 -11.49
CA SER B 213 -21.81 65.60 -10.32
C SER B 213 -23.30 65.86 -10.22
N PHE B 214 -23.73 66.34 -9.05
CA PHE B 214 -25.10 66.77 -8.82
C PHE B 214 -25.08 67.85 -7.75
N ASN B 215 -26.10 68.71 -7.79
CA ASN B 215 -26.20 69.83 -6.86
C ASN B 215 -27.44 69.66 -5.98
N ARG B 216 -27.27 69.91 -4.69
CA ARG B 216 -28.35 69.79 -3.72
C ARG B 216 -29.49 70.75 -4.02
N ASN B 217 -30.64 70.21 -4.43
CA ASN B 217 -31.83 71.00 -4.74
C ASN B 217 -31.53 72.00 -5.86
N GLU B 218 -31.44 71.45 -7.07
CA GLU B 218 -31.16 72.25 -8.26
C GLU B 218 -32.24 72.05 -9.31
N GLU C 1 3.81 -29.15 22.42
CA GLU C 1 2.49 -29.82 22.27
C GLU C 1 1.95 -29.62 20.85
N VAL C 2 2.31 -28.49 20.25
CA VAL C 2 1.90 -28.22 18.86
C VAL C 2 2.70 -29.15 17.94
N GLN C 3 2.00 -29.95 17.16
CA GLN C 3 2.62 -30.90 16.25
C GLN C 3 1.87 -30.90 14.93
N LEU C 4 2.61 -31.12 13.84
CA LEU C 4 2.05 -31.17 12.50
C LEU C 4 2.60 -32.40 11.80
N GLN C 5 1.74 -33.41 11.60
CA GLN C 5 2.14 -34.67 10.98
C GLN C 5 1.67 -34.68 9.54
N GLN C 6 2.62 -34.70 8.60
CA GLN C 6 2.32 -34.69 7.18
C GLN C 6 2.27 -36.11 6.63
N SER C 7 1.51 -36.29 5.55
CA SER C 7 1.39 -37.59 4.92
C SER C 7 2.76 -38.06 4.42
N GLY C 8 2.78 -39.29 3.93
CA GLY C 8 4.01 -39.91 3.48
C GLY C 8 4.35 -39.53 2.05
N PRO C 9 5.47 -40.08 1.57
CA PRO C 9 5.93 -39.75 0.21
C PRO C 9 4.92 -40.19 -0.84
N GLU C 10 5.13 -39.71 -2.06
CA GLU C 10 4.25 -40.04 -3.17
C GLU C 10 5.03 -40.03 -4.48
N LEU C 11 4.75 -41.01 -5.33
CA LEU C 11 5.29 -41.09 -6.69
C LEU C 11 4.14 -40.86 -7.66
N VAL C 12 4.28 -39.87 -8.53
CA VAL C 12 3.22 -39.45 -9.43
C VAL C 12 3.73 -39.51 -10.87
N LYS C 13 2.90 -39.99 -11.77
CA LYS C 13 3.24 -40.00 -13.18
C LYS C 13 3.09 -38.60 -13.76
N PRO C 14 3.91 -38.24 -14.75
CA PRO C 14 3.79 -36.90 -15.35
C PRO C 14 2.38 -36.61 -15.80
N GLY C 15 1.94 -35.38 -15.56
CA GLY C 15 0.63 -34.92 -15.97
C GLY C 15 -0.50 -35.22 -15.00
N ALA C 16 -0.30 -36.16 -14.07
CA ALA C 16 -1.35 -36.53 -13.14
C ALA C 16 -1.45 -35.47 -12.05
N SER C 17 -2.18 -35.80 -10.97
CA SER C 17 -2.33 -34.92 -9.83
C SER C 17 -1.99 -35.70 -8.56
N VAL C 18 -1.96 -34.99 -7.44
CA VAL C 18 -1.65 -35.58 -6.14
C VAL C 18 -2.28 -34.72 -5.06
N LYS C 19 -2.53 -35.31 -3.90
CA LYS C 19 -3.14 -34.63 -2.77
C LYS C 19 -2.52 -35.13 -1.48
N MET C 20 -1.91 -34.22 -0.71
CA MET C 20 -1.27 -34.53 0.55
C MET C 20 -2.02 -33.85 1.70
N SER C 21 -1.67 -34.24 2.92
CA SER C 21 -2.38 -33.81 4.11
C SER C 21 -1.40 -33.37 5.20
N CYS C 22 -1.90 -32.52 6.09
CA CYS C 22 -1.16 -32.04 7.25
C CYS C 22 -2.11 -32.03 8.44
N LYS C 23 -1.96 -32.99 9.35
CA LYS C 23 -2.84 -33.11 10.50
C LYS C 23 -2.28 -32.31 11.66
N ALA C 24 -3.07 -31.37 12.18
CA ALA C 24 -2.65 -30.48 13.23
C ALA C 24 -3.19 -30.93 14.58
N SER C 25 -2.48 -30.55 15.64
CA SER C 25 -2.88 -30.89 17.01
C SER C 25 -2.05 -30.05 17.98
N GLY C 26 -2.62 -29.81 19.15
CA GLY C 26 -1.96 -29.01 20.16
C GLY C 26 -2.35 -27.55 20.21
N TYR C 27 -3.44 -27.16 19.56
CA TYR C 27 -3.91 -25.77 19.53
C TYR C 27 -5.28 -25.76 18.88
N THR C 28 -5.85 -24.57 18.75
CA THR C 28 -7.16 -24.39 18.13
C THR C 28 -6.98 -24.34 16.61
N PHE C 29 -7.51 -25.35 15.92
CA PHE C 29 -7.28 -25.47 14.48
C PHE C 29 -7.77 -24.23 13.73
N ALA C 30 -8.93 -23.70 14.10
CA ALA C 30 -9.56 -22.63 13.34
C ALA C 30 -8.99 -21.26 13.65
N ASN C 31 -8.13 -21.13 14.66
CA ASN C 31 -7.64 -19.83 15.10
C ASN C 31 -6.32 -19.44 14.45
N HIS C 32 -5.73 -20.31 13.63
CA HIS C 32 -4.41 -20.05 13.06
C HIS C 32 -4.41 -20.38 11.58
N VAL C 33 -3.42 -19.83 10.89
CA VAL C 33 -3.25 -20.00 9.45
C VAL C 33 -2.27 -21.13 9.20
N MET C 34 -2.49 -21.88 8.12
CA MET C 34 -1.63 -22.99 7.72
C MET C 34 -1.01 -22.66 6.37
N HIS C 35 0.30 -22.40 6.37
CA HIS C 35 1.04 -22.11 5.15
C HIS C 35 1.55 -23.42 4.52
N TRP C 36 2.06 -23.28 3.29
CA TRP C 36 2.67 -24.41 2.58
C TRP C 36 3.89 -23.90 1.84
N VAL C 37 5.01 -24.60 1.99
CA VAL C 37 6.31 -24.14 1.51
C VAL C 37 6.93 -25.24 0.65
N LYS C 38 7.52 -24.84 -0.47
CA LYS C 38 8.18 -25.75 -1.40
C LYS C 38 9.69 -25.62 -1.28
N GLN C 39 10.40 -26.71 -1.58
CA GLN C 39 11.86 -26.72 -1.50
C GLN C 39 12.36 -27.79 -2.46
N LYS C 40 12.81 -27.35 -3.65
CA LYS C 40 13.43 -28.27 -4.59
C LYS C 40 14.71 -28.85 -4.00
N PRO C 41 15.16 -29.99 -4.51
CA PRO C 41 16.39 -30.59 -3.97
C PRO C 41 17.60 -29.69 -4.19
N GLY C 42 18.35 -29.47 -3.11
CA GLY C 42 19.54 -28.65 -3.18
C GLY C 42 19.29 -27.17 -3.36
N GLN C 43 18.06 -26.70 -3.16
CA GLN C 43 17.71 -25.30 -3.34
C GLN C 43 17.00 -24.79 -2.08
N GLY C 44 16.63 -23.51 -2.12
CA GLY C 44 16.06 -22.86 -0.96
C GLY C 44 14.57 -23.05 -0.82
N LEU C 45 13.96 -22.20 0.01
CA LEU C 45 12.54 -22.28 0.33
C LEU C 45 11.73 -21.34 -0.55
N GLU C 46 10.42 -21.59 -0.60
CA GLU C 46 9.52 -20.81 -1.43
C GLU C 46 8.10 -20.95 -0.88
N TRP C 47 7.38 -19.83 -0.84
CA TRP C 47 6.03 -19.80 -0.31
C TRP C 47 5.01 -20.08 -1.41
N ILE C 48 3.95 -20.80 -1.05
CA ILE C 48 2.91 -21.21 -1.98
C ILE C 48 1.58 -20.52 -1.68
N GLY C 49 1.19 -20.51 -0.41
CA GLY C 49 -0.11 -20.00 -0.03
C GLY C 49 -0.44 -20.41 1.38
N TYR C 50 -1.67 -20.12 1.79
CA TYR C 50 -2.13 -20.51 3.12
C TYR C 50 -3.66 -20.55 3.14
N ILE C 51 -4.20 -21.17 4.18
CA ILE C 51 -5.63 -21.35 4.35
C ILE C 51 -6.04 -20.88 5.74
N TYR C 52 -7.26 -20.35 5.84
CA TYR C 52 -7.85 -19.95 7.12
C TYR C 52 -8.99 -20.91 7.43
N PRO C 53 -8.78 -21.93 8.27
CA PRO C 53 -9.79 -23.00 8.38
C PRO C 53 -11.18 -22.52 8.77
N TYR C 54 -11.29 -21.38 9.46
CA TYR C 54 -12.61 -20.94 9.92
C TYR C 54 -13.57 -20.75 8.75
N ASN C 55 -13.14 -20.00 7.73
CA ASN C 55 -13.96 -19.78 6.55
C ASN C 55 -13.38 -20.45 5.30
N ASP C 56 -12.28 -21.18 5.42
CA ASP C 56 -11.60 -21.78 4.27
C ASP C 56 -11.16 -20.71 3.27
N GLY C 57 -10.68 -19.59 3.79
CA GLY C 57 -10.21 -18.50 2.93
C GLY C 57 -8.79 -18.76 2.43
N THR C 58 -8.58 -18.47 1.15
CA THR C 58 -7.33 -18.78 0.48
C THR C 58 -6.52 -17.52 0.19
N LYS C 59 -5.21 -17.71 0.11
CA LYS C 59 -4.29 -16.66 -0.30
C LYS C 59 -3.09 -17.34 -0.95
N TYR C 60 -2.96 -17.22 -2.26
CA TYR C 60 -1.97 -17.96 -3.03
C TYR C 60 -0.82 -17.07 -3.48
N ASN C 61 0.32 -17.71 -3.74
CA ASN C 61 1.38 -17.07 -4.49
C ASN C 61 0.98 -16.96 -5.96
N GLU C 62 1.32 -15.84 -6.58
CA GLU C 62 0.88 -15.60 -7.95
C GLU C 62 1.35 -16.71 -8.89
N LYS C 63 2.54 -17.25 -8.67
CA LYS C 63 3.08 -18.26 -9.56
C LYS C 63 2.44 -19.62 -9.37
N PHE C 64 1.86 -19.89 -8.20
CA PHE C 64 1.26 -21.18 -7.91
C PHE C 64 -0.24 -21.21 -8.13
N LYS C 65 -0.84 -20.09 -8.56
CA LYS C 65 -2.27 -20.07 -8.85
C LYS C 65 -2.56 -21.03 -10.01
N GLY C 66 -3.57 -21.86 -9.83
CA GLY C 66 -3.87 -22.91 -10.78
C GLY C 66 -3.04 -24.17 -10.61
N LYS C 67 -1.85 -24.06 -10.02
CA LYS C 67 -1.04 -25.23 -9.74
C LYS C 67 -1.47 -25.90 -8.43
N ALA C 68 -1.72 -25.11 -7.40
CA ALA C 68 -2.02 -25.62 -6.07
C ALA C 68 -3.42 -25.20 -5.65
N THR C 69 -4.07 -26.08 -4.88
CA THR C 69 -5.39 -25.81 -4.34
C THR C 69 -5.39 -26.23 -2.86
N LEU C 70 -5.80 -25.32 -1.99
CA LEU C 70 -5.79 -25.54 -0.56
C LEU C 70 -7.21 -25.73 -0.04
N THR C 71 -7.39 -26.69 0.87
CA THR C 71 -8.67 -26.93 1.52
C THR C 71 -8.40 -27.36 2.96
N SER C 72 -9.48 -27.43 3.75
CA SER C 72 -9.30 -27.81 5.14
C SER C 72 -10.50 -28.67 5.56
N ASP C 73 -10.36 -29.34 6.71
CA ASP C 73 -11.39 -30.20 7.27
C ASP C 73 -11.33 -30.05 8.80
N LYS C 74 -12.20 -29.22 9.35
CA LYS C 74 -12.18 -28.97 10.79
C LYS C 74 -12.54 -30.21 11.58
N SER C 75 -13.32 -31.13 10.99
CA SER C 75 -13.73 -32.32 11.73
C SER C 75 -12.53 -33.16 12.13
N SER C 76 -11.52 -33.24 11.28
CA SER C 76 -10.28 -33.95 11.58
C SER C 76 -9.10 -33.01 11.85
N SER C 77 -9.32 -31.71 11.79
CA SER C 77 -8.30 -30.69 12.01
C SER C 77 -7.09 -30.98 11.09
N THR C 78 -7.40 -31.25 9.81
CA THR C 78 -6.39 -31.58 8.81
C THR C 78 -6.50 -30.63 7.63
N ALA C 79 -5.36 -30.17 7.14
CA ALA C 79 -5.29 -29.32 5.96
C ALA C 79 -4.74 -30.13 4.79
N TYR C 80 -5.26 -29.87 3.59
CA TYR C 80 -4.91 -30.61 2.40
C TYR C 80 -4.32 -29.68 1.35
N MET C 81 -3.40 -30.23 0.56
N MET C 81 -3.38 -30.21 0.57
CA MET C 81 -2.71 -29.48 -0.49
CA MET C 81 -2.72 -29.47 -0.50
C MET C 81 -2.72 -30.34 -1.75
C MET C 81 -2.73 -30.33 -1.75
N GLU C 82 -3.44 -29.89 -2.77
CA GLU C 82 -3.57 -30.61 -4.04
C GLU C 82 -2.76 -29.91 -5.11
N LEU C 83 -2.02 -30.71 -5.90
CA LEU C 83 -1.21 -30.23 -7.00
C LEU C 83 -1.65 -30.92 -8.28
N SER C 84 -1.90 -30.12 -9.33
CA SER C 84 -2.44 -30.62 -10.58
C SER C 84 -1.41 -30.55 -11.69
N SER C 85 -1.54 -31.45 -12.66
CA SER C 85 -0.68 -31.50 -13.84
C SER C 85 0.79 -31.35 -13.45
N LEU C 86 1.27 -32.37 -12.74
CA LEU C 86 2.64 -32.36 -12.25
C LEU C 86 3.63 -32.53 -13.40
N ALA C 87 4.81 -31.95 -13.23
CA ALA C 87 5.87 -32.02 -14.22
C ALA C 87 7.20 -32.20 -13.51
N SER C 88 8.30 -32.19 -14.29
CA SER C 88 9.61 -32.42 -13.72
C SER C 88 9.93 -31.38 -12.65
N GLU C 89 9.62 -30.12 -12.90
CA GLU C 89 9.95 -29.05 -11.96
C GLU C 89 9.16 -29.12 -10.67
N ASP C 90 8.20 -30.02 -10.56
CA ASP C 90 7.39 -30.15 -9.35
C ASP C 90 7.96 -31.14 -8.34
N SER C 91 8.98 -31.91 -8.71
CA SER C 91 9.62 -32.81 -7.77
C SER C 91 10.33 -31.99 -6.69
N ALA C 92 9.87 -32.12 -5.45
CA ALA C 92 10.44 -31.35 -4.35
C ALA C 92 9.82 -31.85 -3.04
N VAL C 93 10.25 -31.24 -1.94
CA VAL C 93 9.70 -31.50 -0.61
C VAL C 93 8.75 -30.36 -0.27
N TYR C 94 7.61 -30.69 0.31
CA TYR C 94 6.56 -29.72 0.62
C TYR C 94 6.27 -29.76 2.12
N TYR C 95 6.37 -28.59 2.75
CA TYR C 95 6.12 -28.46 4.18
C TYR C 95 4.79 -27.74 4.41
N CYS C 96 4.19 -28.02 5.56
CA CYS C 96 3.04 -27.28 6.09
C CYS C 96 3.50 -26.53 7.34
N ALA C 97 3.15 -25.25 7.42
CA ALA C 97 3.62 -24.40 8.52
C ALA C 97 2.47 -23.60 9.09
N ARG C 98 2.38 -23.58 10.41
CA ARG C 98 1.38 -22.80 11.13
C ARG C 98 1.90 -21.40 11.39
N GLY C 99 0.96 -20.46 11.56
CA GLY C 99 1.30 -19.10 11.88
C GLY C 99 0.33 -18.46 12.83
N GLY C 100 -0.33 -17.39 12.39
CA GLY C 100 -1.35 -16.72 13.17
C GLY C 100 -2.54 -16.40 12.31
N ASN C 101 -2.74 -15.12 11.98
CA ASN C 101 -3.78 -14.74 11.04
C ASN C 101 -3.44 -13.39 10.43
N PRO C 102 -2.45 -13.33 9.53
CA PRO C 102 -1.58 -14.44 9.08
C PRO C 102 -0.32 -14.61 9.90
N ALA C 103 0.33 -13.53 10.33
CA ALA C 103 1.51 -13.62 11.21
C ALA C 103 2.67 -14.26 10.45
N TRP C 104 3.60 -14.86 11.20
CA TRP C 104 4.79 -15.49 10.66
C TRP C 104 4.79 -16.99 10.96
N PHE C 105 5.58 -17.74 10.18
CA PHE C 105 5.73 -19.16 10.42
C PHE C 105 6.30 -19.40 11.82
N ALA C 106 5.73 -20.38 12.52
CA ALA C 106 6.19 -20.71 13.87
C ALA C 106 6.27 -22.20 14.15
N TYR C 107 5.64 -23.06 13.34
CA TYR C 107 5.71 -24.50 13.53
C TYR C 107 5.68 -25.17 12.17
N TRP C 108 6.60 -26.10 11.94
CA TRP C 108 6.75 -26.76 10.65
C TRP C 108 6.41 -28.24 10.76
N GLY C 109 6.16 -28.84 9.60
CA GLY C 109 5.99 -30.27 9.49
C GLY C 109 7.27 -30.94 9.00
N GLN C 110 7.26 -32.28 9.03
CA GLN C 110 8.43 -33.04 8.60
C GLN C 110 8.64 -32.97 7.10
N GLY C 111 7.61 -32.62 6.33
CA GLY C 111 7.72 -32.55 4.89
C GLY C 111 7.18 -33.80 4.22
N THR C 112 6.93 -33.67 2.92
CA THR C 112 6.43 -34.78 2.10
C THR C 112 7.17 -34.75 0.78
N LEU C 113 7.99 -35.77 0.52
CA LEU C 113 8.76 -35.84 -0.72
C LEU C 113 7.87 -36.31 -1.85
N VAL C 114 8.04 -35.68 -3.01
CA VAL C 114 7.26 -36.00 -4.20
C VAL C 114 8.21 -36.28 -5.35
N THR C 115 8.00 -37.40 -6.03
CA THR C 115 8.79 -37.79 -7.19
C THR C 115 7.87 -37.88 -8.41
N VAL C 116 8.17 -37.08 -9.43
CA VAL C 116 7.40 -37.07 -10.67
C VAL C 116 8.24 -37.78 -11.73
N SER C 117 7.84 -39.01 -12.06
CA SER C 117 8.59 -39.82 -13.01
C SER C 117 7.68 -40.92 -13.55
N ALA C 118 7.99 -41.37 -14.76
CA ALA C 118 7.26 -42.47 -15.36
C ALA C 118 7.78 -43.82 -14.91
N ALA C 119 9.02 -43.89 -14.43
CA ALA C 119 9.56 -45.13 -13.90
C ALA C 119 8.66 -45.69 -12.82
N LYS C 120 8.70 -46.99 -12.59
CA LYS C 120 7.86 -47.66 -11.62
C LYS C 120 8.67 -48.06 -10.40
N THR C 121 7.94 -48.40 -9.35
CA THR C 121 8.57 -48.71 -8.06
C THR C 121 9.43 -49.95 -8.18
N THR C 122 10.43 -50.04 -7.30
CA THR C 122 11.31 -51.19 -7.21
C THR C 122 11.81 -51.30 -5.78
N ALA C 123 11.64 -52.48 -5.17
CA ALA C 123 12.04 -52.66 -3.78
C ALA C 123 13.52 -53.01 -3.70
N PRO C 124 14.20 -52.58 -2.64
CA PRO C 124 15.64 -52.82 -2.52
C PRO C 124 15.95 -54.25 -2.09
N SER C 125 17.25 -54.56 -2.07
CA SER C 125 17.77 -55.83 -1.55
C SER C 125 18.74 -55.49 -0.43
N VAL C 126 18.42 -55.89 0.79
CA VAL C 126 19.25 -55.57 1.94
C VAL C 126 20.28 -56.68 2.13
N TYR C 127 21.49 -56.29 2.50
CA TYR C 127 22.59 -57.23 2.72
C TYR C 127 23.34 -56.84 3.99
N PRO C 128 23.67 -57.80 4.84
CA PRO C 128 24.45 -57.47 6.05
C PRO C 128 25.94 -57.46 5.77
N LEU C 129 26.64 -56.64 6.55
CA LEU C 129 28.09 -56.46 6.40
C LEU C 129 28.75 -56.74 7.74
N ALA C 130 29.67 -57.71 7.76
CA ALA C 130 30.41 -58.07 8.95
C ALA C 130 31.87 -58.26 8.57
N PRO C 131 32.79 -58.14 9.53
CA PRO C 131 34.21 -58.33 9.22
C PRO C 131 34.48 -59.70 8.62
N VAL C 132 35.65 -59.82 8.00
CA VAL C 132 36.05 -61.06 7.36
C VAL C 132 36.60 -62.02 8.40
N CYS C 133 36.30 -63.31 8.24
CA CYS C 133 36.76 -64.33 9.17
C CYS C 133 36.19 -64.08 10.57
N GLY C 138 40.79 -55.11 17.09
CA GLY C 138 41.20 -54.11 18.07
C GLY C 138 40.19 -53.93 19.19
N SER C 139 40.02 -52.68 19.62
CA SER C 139 39.10 -52.36 20.70
C SER C 139 37.70 -51.98 20.20
N SER C 140 37.51 -51.87 18.89
CA SER C 140 36.21 -51.49 18.33
C SER C 140 35.92 -52.36 17.11
N VAL C 141 34.65 -52.42 16.75
CA VAL C 141 34.20 -53.17 15.57
C VAL C 141 33.13 -52.35 14.87
N THR C 142 33.15 -52.39 13.54
CA THR C 142 32.21 -51.64 12.71
C THR C 142 31.42 -52.60 11.84
N LEU C 143 30.10 -52.44 11.84
CA LEU C 143 29.20 -53.23 11.03
C LEU C 143 28.44 -52.32 10.07
N GLY C 144 27.93 -52.90 8.99
CA GLY C 144 27.28 -52.13 7.95
C GLY C 144 26.03 -52.81 7.45
N CYS C 145 25.27 -52.06 6.64
CA CYS C 145 24.01 -52.55 6.09
C CYS C 145 23.81 -51.90 4.74
N LEU C 146 23.76 -52.72 3.69
CA LEU C 146 23.70 -52.23 2.32
C LEU C 146 22.28 -52.32 1.78
N VAL C 147 21.80 -51.23 1.21
CA VAL C 147 20.46 -51.14 0.62
C VAL C 147 20.65 -50.79 -0.85
N LYS C 148 20.50 -51.78 -1.72
CA LYS C 148 20.86 -51.65 -3.13
C LYS C 148 19.64 -51.79 -4.03
N GLY C 149 19.53 -50.88 -4.99
CA GLY C 149 18.57 -51.02 -6.07
C GLY C 149 17.12 -50.80 -5.70
N TYR C 150 16.71 -49.54 -5.55
CA TYR C 150 15.32 -49.25 -5.26
C TYR C 150 14.93 -47.94 -5.93
N PHE C 151 13.62 -47.80 -6.16
CA PHE C 151 13.04 -46.58 -6.72
C PHE C 151 11.60 -46.53 -6.27
N PRO C 152 11.06 -45.38 -5.86
CA PRO C 152 11.72 -44.07 -5.74
C PRO C 152 12.28 -43.83 -4.34
N GLU C 153 12.63 -42.58 -4.04
CA GLU C 153 13.01 -42.21 -2.68
C GLU C 153 11.78 -41.95 -1.83
N PRO C 154 11.91 -41.97 -0.50
CA PRO C 154 13.11 -42.24 0.30
C PRO C 154 13.13 -43.65 0.91
N VAL C 155 14.09 -43.90 1.79
CA VAL C 155 14.18 -45.15 2.54
C VAL C 155 14.67 -44.82 3.94
N THR C 156 14.10 -45.48 4.93
CA THR C 156 14.46 -45.26 6.33
C THR C 156 15.37 -46.38 6.82
N LEU C 157 16.25 -46.04 7.75
CA LEU C 157 17.17 -47.00 8.33
C LEU C 157 17.32 -46.71 9.82
N THR C 158 17.24 -47.76 10.64
CA THR C 158 17.37 -47.63 12.08
C THR C 158 18.05 -48.88 12.61
N TRP C 159 19.04 -48.69 13.49
CA TRP C 159 19.78 -49.79 14.08
C TRP C 159 19.16 -50.16 15.43
N ASN C 160 18.85 -51.43 15.61
CA ASN C 160 18.24 -51.94 16.85
C ASN C 160 17.01 -51.11 17.23
N SER C 161 16.12 -50.93 16.24
CA SER C 161 14.84 -50.26 16.42
C SER C 161 14.98 -48.81 16.86
N GLY C 162 16.20 -48.29 16.91
CA GLY C 162 16.45 -46.94 17.38
C GLY C 162 17.19 -46.87 18.70
N SER C 163 17.28 -47.98 19.43
CA SER C 163 18.03 -47.99 20.68
C SER C 163 19.49 -47.66 20.45
N LEU C 164 20.03 -48.00 19.27
CA LEU C 164 21.41 -47.70 18.91
C LEU C 164 21.42 -46.44 18.05
N SER C 165 21.70 -45.30 18.68
CA SER C 165 21.75 -44.03 17.98
C SER C 165 23.12 -43.38 17.98
N SER C 166 24.04 -43.83 18.84
CA SER C 166 25.39 -43.28 18.89
C SER C 166 26.33 -44.13 18.04
N GLY C 167 27.25 -43.47 17.34
CA GLY C 167 28.20 -44.15 16.51
C GLY C 167 27.58 -44.77 15.27
N VAL C 168 26.75 -44.00 14.58
CA VAL C 168 26.05 -44.45 13.37
C VAL C 168 26.29 -43.42 12.28
N HIS C 169 26.48 -43.90 11.05
CA HIS C 169 26.68 -43.03 9.89
C HIS C 169 25.80 -43.54 8.76
N THR C 170 24.80 -42.75 8.38
CA THR C 170 23.90 -43.08 7.27
C THR C 170 24.28 -42.21 6.07
N PHE C 171 24.58 -42.84 4.95
CA PHE C 171 25.08 -42.12 3.78
C PHE C 171 23.96 -41.80 2.81
N PRO C 172 24.00 -40.65 2.14
CA PRO C 172 22.91 -40.29 1.23
C PRO C 172 22.80 -41.28 0.07
N ALA C 173 21.59 -41.38 -0.48
CA ALA C 173 21.35 -42.27 -1.60
C ALA C 173 22.00 -41.72 -2.87
N VAL C 174 22.59 -42.61 -3.65
CA VAL C 174 23.24 -42.27 -4.91
C VAL C 174 22.50 -42.97 -6.04
N LEU C 175 22.23 -42.23 -7.11
CA LEU C 175 21.56 -42.77 -8.28
C LEU C 175 22.60 -43.35 -9.24
N GLN C 176 22.31 -44.55 -9.74
CA GLN C 176 23.21 -45.21 -10.68
C GLN C 176 22.45 -46.32 -11.37
N SER C 177 22.54 -46.38 -12.70
CA SER C 177 21.82 -47.38 -13.49
C SER C 177 20.31 -47.28 -13.26
N ASP C 178 19.82 -46.06 -13.08
CA ASP C 178 18.39 -45.79 -12.91
C ASP C 178 17.84 -46.41 -11.64
N LEU C 179 18.68 -46.56 -10.61
CA LEU C 179 18.23 -47.09 -9.32
C LEU C 179 19.04 -46.43 -8.21
N TYR C 180 18.42 -46.31 -7.04
CA TYR C 180 19.06 -45.70 -5.89
C TYR C 180 19.72 -46.76 -5.02
N THR C 181 20.83 -46.39 -4.39
CA THR C 181 21.55 -47.28 -3.50
C THR C 181 21.99 -46.49 -2.26
N LEU C 182 21.86 -47.12 -1.09
CA LEU C 182 22.16 -46.49 0.18
C LEU C 182 23.00 -47.43 1.03
N SER C 183 23.68 -46.85 2.02
CA SER C 183 24.51 -47.63 2.94
C SER C 183 24.49 -46.96 4.30
N SER C 184 24.93 -47.72 5.31
CA SER C 184 25.00 -47.22 6.67
C SER C 184 26.01 -48.04 7.45
N SER C 185 26.61 -47.41 8.45
CA SER C 185 27.61 -48.04 9.30
C SER C 185 27.32 -47.75 10.76
N VAL C 186 27.77 -48.65 11.62
CA VAL C 186 27.62 -48.48 13.07
C VAL C 186 28.84 -49.11 13.73
N THR C 187 29.37 -48.43 14.75
CA THR C 187 30.56 -48.88 15.46
C THR C 187 30.23 -49.08 16.94
N VAL C 188 30.72 -50.18 17.48
CA VAL C 188 30.52 -50.54 18.88
C VAL C 188 31.83 -51.13 19.42
N THR C 189 31.83 -51.42 20.71
CA THR C 189 33.02 -51.97 21.36
C THR C 189 33.16 -53.46 21.09
N SER C 190 34.41 -53.93 21.12
CA SER C 190 34.67 -55.34 20.83
C SER C 190 33.87 -56.26 21.73
N SER C 191 33.58 -55.82 22.96
CA SER C 191 32.82 -56.65 23.88
C SER C 191 31.33 -56.71 23.52
N THR C 192 30.84 -55.75 22.74
CA THR C 192 29.43 -55.70 22.41
C THR C 192 29.04 -56.59 21.23
N TRP C 193 30.01 -57.10 20.46
CA TRP C 193 29.74 -57.95 19.32
C TRP C 193 30.75 -59.09 19.30
N PRO C 194 30.32 -60.33 18.98
CA PRO C 194 28.97 -60.77 18.63
C PRO C 194 28.19 -61.26 19.86
N SER C 195 28.38 -60.62 21.01
CA SER C 195 27.69 -60.99 22.23
C SER C 195 26.36 -60.29 22.40
N GLN C 196 25.95 -59.45 21.44
CA GLN C 196 24.69 -58.74 21.50
C GLN C 196 24.09 -58.67 20.10
N SER C 197 22.77 -58.73 20.03
CA SER C 197 22.07 -58.77 18.75
C SER C 197 22.08 -57.39 18.10
N ILE C 198 22.72 -57.30 16.93
CA ILE C 198 22.74 -56.08 16.13
C ILE C 198 21.99 -56.37 14.84
N THR C 199 20.91 -55.62 14.59
CA THR C 199 20.05 -55.86 13.45
C THR C 199 19.73 -54.56 12.74
N CYS C 200 19.59 -54.65 11.42
CA CYS C 200 19.35 -53.52 10.53
C CYS C 200 17.89 -53.47 10.14
N ASN C 201 17.24 -52.34 10.39
CA ASN C 201 15.84 -52.14 10.02
C ASN C 201 15.78 -51.23 8.79
N VAL C 202 15.11 -51.70 7.74
CA VAL C 202 14.98 -50.97 6.48
C VAL C 202 13.51 -50.96 6.10
N ALA C 203 13.03 -49.81 5.61
CA ALA C 203 11.64 -49.65 5.21
C ALA C 203 11.57 -48.81 3.94
N HIS C 204 10.95 -49.36 2.90
CA HIS C 204 10.71 -48.67 1.64
C HIS C 204 9.20 -48.45 1.50
N PRO C 205 8.68 -47.31 1.95
CA PRO C 205 7.21 -47.16 1.99
C PRO C 205 6.56 -47.26 0.62
N ALA C 206 7.24 -46.85 -0.45
CA ALA C 206 6.65 -46.92 -1.78
C ALA C 206 6.25 -48.35 -2.14
N SER C 207 7.15 -49.30 -1.89
CA SER C 207 6.88 -50.70 -2.15
C SER C 207 6.28 -51.41 -0.94
N SER C 208 6.00 -50.68 0.14
CA SER C 208 5.45 -51.28 1.37
C SER C 208 6.36 -52.38 1.89
N THR C 209 7.67 -52.14 1.83
CA THR C 209 8.67 -53.11 2.25
C THR C 209 9.18 -52.76 3.64
N LYS C 210 9.44 -53.81 4.44
CA LYS C 210 10.00 -53.64 5.78
C LYS C 210 10.82 -54.89 6.07
N VAL C 211 12.13 -54.73 6.20
CA VAL C 211 13.04 -55.85 6.43
C VAL C 211 13.86 -55.59 7.67
N ASP C 212 14.23 -56.67 8.36
CA ASP C 212 15.03 -56.61 9.59
C ASP C 212 16.11 -57.68 9.47
N LYS C 213 17.29 -57.28 8.97
CA LYS C 213 18.40 -58.19 8.75
C LYS C 213 19.36 -58.12 9.93
N LYS C 214 19.55 -59.25 10.61
CA LYS C 214 20.50 -59.33 11.71
C LYS C 214 21.91 -59.56 11.17
N ILE C 215 22.89 -58.96 11.82
CA ILE C 215 24.28 -59.06 11.40
C ILE C 215 24.86 -60.31 12.09
N SER C 216 25.23 -61.29 11.28
CA SER C 216 25.76 -62.56 11.79
C SER C 216 27.27 -62.62 11.62
N ALA C 217 27.90 -63.49 12.40
CA ALA C 217 29.34 -63.67 12.35
C ALA C 217 29.79 -64.18 10.98
N ASN D 1 7.25 -9.66 -2.38
CA ASN D 1 7.35 -8.37 -3.11
C ASN D 1 8.57 -7.58 -2.67
N ILE D 2 9.24 -8.05 -1.61
CA ILE D 2 10.48 -7.44 -1.10
C ILE D 2 11.57 -8.49 -1.22
N MET D 3 12.66 -8.13 -1.91
CA MET D 3 13.73 -9.07 -2.21
C MET D 3 14.75 -9.07 -1.08
N MET D 4 15.12 -10.27 -0.64
CA MET D 4 16.12 -10.47 0.40
C MET D 4 17.43 -10.96 -0.21
N THR D 5 18.54 -10.55 0.38
CA THR D 5 19.86 -10.90 -0.11
C THR D 5 20.75 -11.23 1.08
N GLN D 6 21.22 -12.47 1.13
CA GLN D 6 22.10 -12.94 2.19
C GLN D 6 23.53 -13.03 1.67
N SER D 7 24.48 -12.57 2.49
CA SER D 7 25.87 -12.52 2.10
C SER D 7 26.71 -12.72 3.35
N PRO D 8 27.74 -13.58 3.30
CA PRO D 8 28.19 -14.39 2.16
C PRO D 8 27.41 -15.70 2.04
N SER D 9 27.60 -16.41 0.94
CA SER D 9 26.92 -17.69 0.75
C SER D 9 27.44 -18.75 1.72
N SER D 10 28.74 -18.72 2.02
CA SER D 10 29.37 -19.72 2.87
C SER D 10 30.28 -19.06 3.89
N LEU D 11 30.41 -19.70 5.05
CA LEU D 11 31.25 -19.20 6.13
C LEU D 11 31.81 -20.37 6.92
N ALA D 12 33.04 -20.22 7.38
CA ALA D 12 33.71 -21.26 8.15
C ALA D 12 34.42 -20.62 9.33
N VAL D 13 34.20 -21.17 10.52
CA VAL D 13 34.85 -20.70 11.74
C VAL D 13 35.20 -21.90 12.61
N SER D 14 36.06 -21.67 13.60
CA SER D 14 36.39 -22.70 14.56
C SER D 14 35.31 -22.77 15.63
N ALA D 15 35.19 -23.94 16.25
CA ALA D 15 34.19 -24.11 17.30
C ALA D 15 34.52 -23.23 18.49
N GLY D 16 33.54 -22.45 18.93
CA GLY D 16 33.70 -21.59 20.09
C GLY D 16 33.97 -20.13 19.78
N GLU D 17 33.96 -19.73 18.52
CA GLU D 17 34.20 -18.37 18.10
C GLU D 17 32.92 -17.75 17.55
N LYS D 18 32.93 -16.43 17.42
CA LYS D 18 31.75 -15.70 17.01
C LYS D 18 31.59 -15.72 15.49
N VAL D 19 30.35 -15.54 15.04
CA VAL D 19 30.02 -15.49 13.62
C VAL D 19 28.95 -14.43 13.43
N THR D 20 28.93 -13.82 12.25
CA THR D 20 27.93 -12.83 11.91
C THR D 20 27.56 -13.00 10.45
N MET D 21 26.25 -13.00 10.17
CA MET D 21 25.73 -13.13 8.82
C MET D 21 24.76 -12.00 8.56
N SER D 22 24.67 -11.58 7.30
CA SER D 22 23.91 -10.41 6.92
C SER D 22 22.72 -10.77 6.05
N CYS D 23 21.65 -9.99 6.20
CA CYS D 23 20.48 -10.06 5.34
C CYS D 23 20.10 -8.64 4.96
N LYS D 24 20.09 -8.35 3.66
CA LYS D 24 19.78 -7.03 3.14
C LYS D 24 18.50 -7.09 2.32
N SER D 25 17.54 -6.24 2.68
CA SER D 25 16.27 -6.17 1.98
C SER D 25 16.25 -4.98 1.03
N SER D 26 15.56 -5.15 -0.11
CA SER D 26 15.47 -4.08 -1.08
C SER D 26 14.73 -2.87 -0.50
N GLN D 27 13.54 -3.09 0.04
CA GLN D 27 12.76 -2.06 0.71
C GLN D 27 12.83 -2.24 2.21
N SER D 28 12.36 -1.22 2.93
CA SER D 28 12.33 -1.28 4.38
C SER D 28 11.22 -2.21 4.84
N VAL D 29 11.49 -2.97 5.90
CA VAL D 29 10.52 -3.88 6.48
C VAL D 29 10.04 -3.39 7.84
N LEU D 30 10.28 -2.11 8.16
CA LEU D 30 9.85 -1.52 9.41
C LEU D 30 8.46 -0.92 9.22
N TYR D 31 7.48 -1.45 9.95
CA TYR D 31 6.10 -0.98 9.86
C TYR D 31 5.90 0.18 10.83
N SER D 32 5.21 1.22 10.34
CA SER D 32 5.09 2.46 11.11
C SER D 32 4.06 2.37 12.22
N SER D 33 3.03 1.54 12.07
CA SER D 33 1.99 1.45 13.07
C SER D 33 2.54 0.96 14.41
N ASN D 34 3.15 -0.22 14.41
CA ASN D 34 3.68 -0.83 15.63
C ASN D 34 5.18 -0.59 15.82
N GLN D 35 5.86 0.00 14.84
CA GLN D 35 7.30 0.25 14.94
C GLN D 35 8.07 -1.04 15.16
N LYS D 36 7.77 -2.04 14.33
CA LYS D 36 8.39 -3.35 14.41
C LYS D 36 9.00 -3.71 13.05
N ASN D 37 10.09 -4.47 13.09
CA ASN D 37 10.73 -4.97 11.89
C ASN D 37 10.20 -6.36 11.58
N TYR D 38 9.51 -6.51 10.45
CA TYR D 38 8.89 -7.78 10.07
C TYR D 38 9.93 -8.70 9.43
N LEU D 39 10.87 -9.14 10.26
CA LEU D 39 11.96 -10.00 9.83
C LEU D 39 12.09 -11.18 10.77
N ALA D 40 12.42 -12.35 10.22
CA ALA D 40 12.59 -13.56 11.03
C ALA D 40 13.75 -14.38 10.48
N TRP D 41 14.36 -15.16 11.36
CA TRP D 41 15.48 -16.03 11.02
C TRP D 41 15.10 -17.48 11.28
N TYR D 42 15.47 -18.37 10.35
CA TYR D 42 15.16 -19.79 10.45
C TYR D 42 16.41 -20.62 10.22
N GLN D 43 16.47 -21.76 10.91
CA GLN D 43 17.59 -22.69 10.81
C GLN D 43 17.12 -24.00 10.17
N GLN D 44 17.98 -24.61 9.36
CA GLN D 44 17.67 -25.88 8.72
C GLN D 44 18.93 -26.76 8.78
N LYS D 45 18.93 -27.71 9.70
CA LYS D 45 20.02 -28.68 9.80
C LYS D 45 19.88 -29.76 8.73
N PRO D 46 20.96 -30.44 8.40
CA PRO D 46 20.89 -31.48 7.35
C PRO D 46 19.86 -32.54 7.70
N GLY D 47 18.88 -32.72 6.81
CA GLY D 47 17.89 -33.75 6.96
C GLY D 47 16.69 -33.40 7.81
N GLN D 48 16.55 -32.14 8.22
CA GLN D 48 15.45 -31.71 9.06
C GLN D 48 14.69 -30.58 8.39
N SER D 49 13.59 -30.19 9.02
CA SER D 49 12.78 -29.07 8.55
C SER D 49 13.30 -27.76 9.11
N PRO D 50 12.87 -26.64 8.57
CA PRO D 50 13.27 -25.35 9.14
C PRO D 50 12.82 -25.23 10.60
N LYS D 51 13.50 -24.37 11.34
CA LYS D 51 13.18 -24.11 12.73
C LYS D 51 13.25 -22.60 12.98
N LEU D 52 12.25 -22.06 13.67
CA LEU D 52 12.23 -20.63 13.96
C LEU D 52 13.27 -20.30 15.01
N LEU D 53 14.11 -19.30 14.71
CA LEU D 53 15.12 -18.82 15.65
C LEU D 53 14.74 -17.47 16.23
N ILE D 54 14.51 -16.46 15.39
CA ILE D 54 14.25 -15.10 15.83
C ILE D 54 13.11 -14.53 15.01
N TYR D 55 12.31 -13.69 15.65
CA TYR D 55 11.27 -12.93 14.97
C TYR D 55 11.29 -11.50 15.51
N TRP D 56 10.62 -10.61 14.78
CA TRP D 56 10.69 -9.17 15.05
C TRP D 56 12.14 -8.67 15.06
N ALA D 57 12.99 -9.32 14.28
CA ALA D 57 14.38 -8.90 14.07
C ALA D 57 15.28 -9.22 15.25
N SER D 58 14.79 -9.02 16.47
CA SER D 58 15.62 -9.21 17.66
C SER D 58 15.03 -10.15 18.71
N THR D 59 13.73 -10.41 18.69
CA THR D 59 13.11 -11.25 19.70
C THR D 59 13.42 -12.72 19.44
N ARG D 60 13.97 -13.39 20.45
CA ARG D 60 14.34 -14.80 20.35
C ARG D 60 13.13 -15.67 20.74
N GLU D 61 12.79 -16.62 19.86
CA GLU D 61 11.69 -17.53 20.15
C GLU D 61 12.03 -18.42 21.34
N SER D 62 10.98 -18.82 22.05
CA SER D 62 11.18 -19.68 23.22
C SER D 62 11.83 -20.99 22.81
N GLY D 63 12.64 -21.55 23.71
CA GLY D 63 13.30 -22.80 23.47
C GLY D 63 14.60 -22.70 22.69
N VAL D 64 14.90 -21.54 22.12
CA VAL D 64 16.13 -21.37 21.33
C VAL D 64 17.29 -21.06 22.28
N PRO D 65 18.49 -21.58 22.02
CA PRO D 65 19.63 -21.26 22.89
C PRO D 65 19.93 -19.78 22.91
N ASP D 66 20.70 -19.37 23.92
CA ASP D 66 21.08 -17.98 24.08
C ASP D 66 22.26 -17.58 23.18
N ARG D 67 22.82 -18.51 22.43
CA ARG D 67 23.94 -18.17 21.55
C ARG D 67 23.49 -17.30 20.37
N PHE D 68 22.27 -17.50 19.90
CA PHE D 68 21.77 -16.77 18.75
C PHE D 68 21.21 -15.42 19.17
N THR D 69 21.52 -14.40 18.39
CA THR D 69 21.05 -13.04 18.66
C THR D 69 20.81 -12.32 17.35
N GLY D 70 19.66 -11.66 17.24
CA GLY D 70 19.32 -10.89 16.07
C GLY D 70 19.51 -9.40 16.31
N SER D 71 19.84 -8.68 15.24
CA SER D 71 20.08 -7.25 15.33
C SER D 71 19.83 -6.62 13.97
N GLY D 72 19.59 -5.32 13.99
CA GLY D 72 19.36 -4.55 12.78
C GLY D 72 17.99 -3.90 12.77
N SER D 73 17.76 -3.12 11.71
CA SER D 73 16.50 -2.41 11.52
C SER D 73 16.49 -1.77 10.16
N GLY D 74 15.30 -1.65 9.58
CA GLY D 74 15.15 -1.01 8.28
C GLY D 74 15.41 -1.96 7.12
N THR D 75 16.68 -2.06 6.71
CA THR D 75 17.05 -2.91 5.59
C THR D 75 18.29 -3.77 5.85
N ASP D 76 19.10 -3.47 6.85
CA ASP D 76 20.29 -4.24 7.17
C ASP D 76 20.05 -4.98 8.47
N PHE D 77 20.22 -6.30 8.45
CA PHE D 77 19.99 -7.14 9.61
C PHE D 77 21.12 -8.15 9.73
N THR D 78 21.31 -8.65 10.95
CA THR D 78 22.42 -9.52 11.27
C THR D 78 21.99 -10.60 12.24
N LEU D 79 22.45 -11.82 11.99
CA LEU D 79 22.29 -12.96 12.90
C LEU D 79 23.67 -13.31 13.45
N THR D 80 23.77 -13.41 14.77
CA THR D 80 25.04 -13.64 15.44
C THR D 80 24.98 -14.88 16.31
N ILE D 81 26.09 -15.60 16.39
CA ILE D 81 26.24 -16.76 17.24
C ILE D 81 27.48 -16.52 18.10
N SER D 82 27.28 -16.38 19.41
CA SER D 82 28.39 -16.03 20.30
C SER D 82 29.43 -17.14 20.32
N SER D 83 29.00 -18.39 20.42
CA SER D 83 29.91 -19.54 20.46
C SER D 83 29.32 -20.65 19.62
N VAL D 84 30.02 -21.03 18.55
CA VAL D 84 29.51 -22.00 17.61
C VAL D 84 29.78 -23.41 18.15
N GLN D 85 28.73 -24.21 18.24
CA GLN D 85 28.84 -25.62 18.59
C GLN D 85 28.82 -26.46 17.33
N ALA D 86 29.30 -27.70 17.46
CA ALA D 86 29.31 -28.60 16.32
C ALA D 86 27.92 -28.78 15.72
N GLU D 87 26.89 -28.75 16.57
CA GLU D 87 25.52 -28.94 16.09
C GLU D 87 25.02 -27.77 15.27
N ASP D 88 25.65 -26.59 15.39
CA ASP D 88 25.19 -25.40 14.68
C ASP D 88 25.33 -25.51 13.17
N LEU D 89 25.98 -26.56 12.65
CA LEU D 89 26.10 -26.75 11.22
C LEU D 89 24.72 -26.81 10.57
N ALA D 90 24.40 -25.81 9.77
CA ALA D 90 23.07 -25.72 9.14
C ALA D 90 23.09 -24.55 8.16
N VAL D 91 21.98 -24.37 7.46
CA VAL D 91 21.75 -23.24 6.58
C VAL D 91 20.69 -22.35 7.24
N TYR D 92 20.92 -21.04 7.21
CA TYR D 92 20.06 -20.07 7.87
C TYR D 92 19.47 -19.13 6.84
N TYR D 93 18.14 -19.06 6.78
CA TYR D 93 17.43 -18.17 5.87
C TYR D 93 16.83 -17.02 6.67
N CYS D 94 16.85 -15.83 6.07
CA CYS D 94 16.14 -14.67 6.60
C CYS D 94 14.83 -14.50 5.83
N HIS D 95 13.81 -14.03 6.54
CA HIS D 95 12.45 -14.00 6.00
C HIS D 95 11.76 -12.71 6.38
N GLN D 96 11.11 -12.08 5.40
CA GLN D 96 10.26 -10.92 5.62
C GLN D 96 8.81 -11.31 5.43
N TYR D 97 7.93 -10.77 6.27
CA TYR D 97 6.51 -11.10 6.22
C TYR D 97 5.67 -9.84 6.36
N LEU D 98 6.11 -8.75 5.75
CA LEU D 98 5.36 -7.49 5.73
C LEU D 98 4.54 -7.34 4.44
N SER D 99 5.17 -7.55 3.29
CA SER D 99 4.51 -7.52 2.00
C SER D 99 4.67 -8.90 1.36
N SER D 100 3.66 -9.75 1.50
CA SER D 100 3.75 -11.13 1.05
C SER D 100 4.81 -11.87 1.83
N TYR D 101 5.29 -12.99 1.29
CA TYR D 101 6.25 -13.86 1.99
C TYR D 101 7.36 -14.24 1.03
N THR D 102 8.56 -13.72 1.29
CA THR D 102 9.74 -13.97 0.46
C THR D 102 10.89 -14.41 1.33
N PHE D 103 11.75 -15.27 0.77
CA PHE D 103 12.87 -15.84 1.49
C PHE D 103 14.19 -15.32 0.92
N GLY D 104 15.26 -15.50 1.70
CA GLY D 104 16.60 -15.19 1.25
C GLY D 104 17.27 -16.40 0.62
N GLY D 105 18.48 -16.17 0.11
CA GLY D 105 19.21 -17.23 -0.55
C GLY D 105 19.75 -18.28 0.39
N GLY D 106 19.99 -17.92 1.64
CA GLY D 106 20.52 -18.83 2.63
C GLY D 106 22.03 -18.70 2.79
N THR D 107 22.51 -19.03 3.99
CA THR D 107 23.93 -18.99 4.31
C THR D 107 24.32 -20.29 4.98
N LYS D 108 25.35 -20.95 4.45
CA LYS D 108 25.84 -22.19 5.00
C LYS D 108 26.99 -21.91 5.97
N LEU D 109 26.95 -22.57 7.13
CA LEU D 109 27.97 -22.40 8.16
C LEU D 109 28.77 -23.69 8.29
N GLU D 110 30.08 -23.58 8.17
CA GLU D 110 31.00 -24.70 8.30
C GLU D 110 31.84 -24.53 9.57
N ILE D 111 32.22 -25.65 10.17
CA ILE D 111 32.96 -25.68 11.42
C ILE D 111 34.39 -26.12 11.12
N LYS D 112 35.36 -25.31 11.52
CA LYS D 112 36.77 -25.67 11.38
C LYS D 112 37.21 -26.51 12.57
N ARG D 113 38.03 -27.52 12.29
CA ARG D 113 38.42 -28.51 13.29
C ARG D 113 39.83 -28.97 13.01
N ALA D 114 40.43 -29.62 14.01
CA ALA D 114 41.78 -30.14 13.87
C ALA D 114 41.79 -31.34 12.93
N ASP D 115 43.00 -31.74 12.52
CA ASP D 115 43.13 -32.87 11.61
C ASP D 115 42.67 -34.16 12.28
N ALA D 116 42.15 -35.07 11.47
CA ALA D 116 41.67 -36.36 11.96
C ALA D 116 41.91 -37.41 10.91
N ALA D 117 42.52 -38.53 11.30
CA ALA D 117 42.83 -39.58 10.35
C ALA D 117 41.60 -40.47 10.11
N PRO D 118 41.40 -40.95 8.88
CA PRO D 118 40.25 -41.81 8.61
C PRO D 118 40.42 -43.19 9.22
N THR D 119 39.29 -43.78 9.60
CA THR D 119 39.25 -45.16 10.10
C THR D 119 38.60 -46.02 9.01
N VAL D 120 39.38 -46.92 8.42
CA VAL D 120 38.97 -47.68 7.25
C VAL D 120 38.59 -49.09 7.69
N SER D 121 37.54 -49.63 7.06
CA SER D 121 37.09 -50.99 7.33
C SER D 121 36.49 -51.56 6.05
N ILE D 122 36.80 -52.82 5.76
CA ILE D 122 36.34 -53.49 4.56
C ILE D 122 35.42 -54.64 4.95
N PHE D 123 34.47 -54.94 4.06
CA PHE D 123 33.47 -55.97 4.30
C PHE D 123 33.31 -56.82 3.04
N PRO D 124 33.53 -58.14 3.12
CA PRO D 124 33.35 -58.98 1.93
C PRO D 124 31.88 -59.12 1.57
N PRO D 125 31.57 -59.72 0.43
CA PRO D 125 30.16 -59.92 0.07
C PRO D 125 29.45 -60.84 1.05
N SER D 126 28.16 -60.61 1.21
CA SER D 126 27.34 -61.41 2.10
C SER D 126 26.86 -62.68 1.40
N SER D 127 26.73 -63.76 2.17
CA SER D 127 26.23 -65.01 1.62
C SER D 127 24.86 -64.83 0.98
N GLU D 128 24.08 -63.83 1.41
CA GLU D 128 22.78 -63.57 0.81
C GLU D 128 22.94 -63.08 -0.62
N GLN D 129 23.76 -62.05 -0.83
CA GLN D 129 23.97 -61.53 -2.17
C GLN D 129 24.65 -62.57 -3.06
N LEU D 130 25.51 -63.42 -2.49
CA LEU D 130 26.21 -64.40 -3.30
C LEU D 130 25.24 -65.42 -3.88
N THR D 131 24.34 -65.97 -3.06
CA THR D 131 23.36 -66.90 -3.57
C THR D 131 22.51 -66.27 -4.66
N SER D 132 22.33 -64.94 -4.61
CA SER D 132 21.58 -64.24 -5.65
C SER D 132 22.39 -64.04 -6.92
N GLY D 133 23.72 -64.13 -6.85
CA GLY D 133 24.57 -64.01 -8.00
C GLY D 133 25.42 -62.77 -8.08
N GLY D 134 25.45 -61.94 -7.04
CA GLY D 134 26.22 -60.72 -7.03
C GLY D 134 27.24 -60.71 -5.90
N ALA D 135 28.18 -59.77 -5.98
CA ALA D 135 29.22 -59.63 -4.97
C ALA D 135 29.59 -58.15 -4.87
N SER D 136 29.37 -57.57 -3.69
CA SER D 136 29.69 -56.17 -3.43
C SER D 136 30.62 -56.09 -2.23
N VAL D 137 31.75 -55.43 -2.41
CA VAL D 137 32.72 -55.19 -1.35
C VAL D 137 32.58 -53.75 -0.91
N VAL D 138 32.23 -53.55 0.37
CA VAL D 138 31.97 -52.22 0.91
C VAL D 138 33.18 -51.77 1.70
N CYS D 139 33.49 -50.48 1.64
CA CYS D 139 34.67 -49.91 2.27
C CYS D 139 34.25 -48.61 2.95
N PHE D 140 34.28 -48.58 4.27
CA PHE D 140 33.85 -47.43 5.05
C PHE D 140 35.06 -46.63 5.51
N LEU D 141 34.97 -45.30 5.36
CA LEU D 141 35.99 -44.38 5.83
C LEU D 141 35.29 -43.30 6.66
N ASN D 142 35.43 -43.37 7.98
CA ASN D 142 34.64 -42.58 8.91
C ASN D 142 35.52 -41.65 9.73
N ASN D 143 35.01 -40.45 9.99
CA ASN D 143 35.57 -39.51 10.95
C ASN D 143 37.00 -39.11 10.57
N PHE D 144 37.08 -38.28 9.52
CA PHE D 144 38.34 -37.71 9.08
C PHE D 144 38.13 -36.22 8.80
N TYR D 145 39.25 -35.50 8.73
CA TYR D 145 39.22 -34.06 8.47
C TYR D 145 40.59 -33.62 8.00
N PRO D 146 40.69 -32.75 6.98
CA PRO D 146 39.61 -32.11 6.20
C PRO D 146 38.84 -33.06 5.30
N LYS D 147 37.92 -32.54 4.49
CA LYS D 147 37.05 -33.37 3.67
C LYS D 147 37.74 -33.94 2.45
N ASP D 148 38.82 -33.32 1.98
CA ASP D 148 39.50 -33.78 0.79
C ASP D 148 40.07 -35.18 1.00
N ILE D 149 39.57 -36.16 0.26
CA ILE D 149 40.01 -37.54 0.37
C ILE D 149 39.81 -38.23 -0.98
N ASN D 150 40.71 -39.16 -1.28
CA ASN D 150 40.67 -39.92 -2.53
C ASN D 150 40.77 -41.41 -2.22
N VAL D 151 39.91 -42.21 -2.85
CA VAL D 151 39.85 -43.65 -2.64
C VAL D 151 40.17 -44.34 -3.96
N LYS D 152 40.84 -45.50 -3.86
CA LYS D 152 41.23 -46.28 -5.02
C LYS D 152 41.05 -47.76 -4.73
N TRP D 153 40.45 -48.47 -5.68
CA TRP D 153 40.21 -49.90 -5.55
C TRP D 153 41.25 -50.69 -6.36
N LYS D 154 41.68 -51.82 -5.81
CA LYS D 154 42.62 -52.68 -6.50
C LYS D 154 42.18 -54.14 -6.37
N ILE D 155 42.24 -54.87 -7.48
CA ILE D 155 41.91 -56.29 -7.52
C ILE D 155 43.18 -57.04 -7.93
N ASP D 156 43.72 -57.83 -7.02
CA ASP D 156 44.96 -58.57 -7.27
C ASP D 156 46.08 -57.62 -7.71
N GLY D 157 46.13 -56.44 -7.09
CA GLY D 157 47.14 -55.46 -7.39
C GLY D 157 46.88 -54.58 -8.58
N SER D 158 45.78 -54.80 -9.30
CA SER D 158 45.43 -54.02 -10.48
C SER D 158 44.34 -53.02 -10.13
N GLU D 159 44.55 -51.76 -10.52
CA GLU D 159 43.60 -50.71 -10.20
C GLU D 159 42.32 -50.87 -11.02
N ARG D 160 41.18 -50.69 -10.35
CA ARG D 160 39.87 -50.79 -10.98
C ARG D 160 39.13 -49.47 -10.82
N GLN D 161 38.52 -49.01 -11.91
CA GLN D 161 37.78 -47.75 -11.91
C GLN D 161 36.30 -47.90 -12.20
N ASN D 162 35.86 -49.02 -12.76
CA ASN D 162 34.46 -49.22 -13.11
C ASN D 162 33.71 -49.96 -12.02
N GLY D 163 32.40 -49.77 -12.01
CA GLY D 163 31.55 -50.45 -11.05
C GLY D 163 31.78 -50.01 -9.62
N VAL D 164 31.96 -48.71 -9.39
CA VAL D 164 32.19 -48.15 -8.07
C VAL D 164 31.08 -47.14 -7.78
N LEU D 165 30.62 -47.13 -6.53
CA LEU D 165 29.60 -46.19 -6.08
C LEU D 165 30.06 -45.58 -4.76
N ASN D 166 30.23 -44.25 -4.76
CA ASN D 166 30.71 -43.52 -3.60
C ASN D 166 29.63 -42.56 -3.09
N SER D 167 29.63 -42.35 -1.79
CA SER D 167 28.68 -41.43 -1.16
C SER D 167 29.38 -40.75 0.01
N TRP D 168 29.12 -39.45 0.18
CA TRP D 168 29.75 -38.65 1.22
C TRP D 168 28.69 -38.05 2.12
N THR D 169 29.06 -37.84 3.38
CA THR D 169 28.21 -37.22 4.38
C THR D 169 28.68 -35.80 4.65
N ASP D 170 27.86 -35.06 5.41
CA ASP D 170 28.23 -33.73 5.85
C ASP D 170 28.92 -33.81 7.21
N GLN D 171 29.38 -32.66 7.70
CA GLN D 171 30.06 -32.63 8.99
C GLN D 171 29.14 -33.15 10.08
N ASP D 172 29.70 -33.98 10.97
CA ASP D 172 28.91 -34.60 12.03
C ASP D 172 28.42 -33.55 13.02
N SER D 173 27.27 -33.83 13.63
CA SER D 173 26.67 -32.90 14.58
C SER D 173 27.41 -32.86 15.91
N LYS D 174 28.24 -33.86 16.19
CA LYS D 174 29.01 -33.91 17.43
C LYS D 174 30.51 -33.77 17.22
N ASP D 175 31.06 -34.34 16.15
CA ASP D 175 32.49 -34.31 15.89
C ASP D 175 32.90 -33.27 14.86
N SER D 176 31.99 -32.86 13.98
CA SER D 176 32.32 -31.97 12.87
C SER D 176 33.34 -32.61 11.92
N THR D 177 33.27 -33.93 11.78
CA THR D 177 34.14 -34.69 10.90
C THR D 177 33.34 -35.24 9.74
N TYR D 178 34.06 -35.74 8.73
CA TYR D 178 33.46 -36.28 7.53
C TYR D 178 33.57 -37.80 7.51
N SER D 179 32.72 -38.43 6.69
CA SER D 179 32.73 -39.87 6.49
C SER D 179 32.40 -40.18 5.04
N MET D 180 32.83 -41.35 4.57
CA MET D 180 32.64 -41.73 3.19
C MET D 180 32.45 -43.24 3.10
N SER D 181 31.63 -43.64 2.13
CA SER D 181 31.38 -45.05 1.83
C SER D 181 31.69 -45.32 0.36
N SER D 182 32.36 -46.43 0.10
CA SER D 182 32.73 -46.84 -1.25
C SER D 182 32.40 -48.31 -1.44
N THR D 183 31.69 -48.62 -2.53
CA THR D 183 31.22 -49.97 -2.80
C THR D 183 31.63 -50.37 -4.20
N LEU D 184 32.23 -51.55 -4.32
CA LEU D 184 32.64 -52.13 -5.59
C LEU D 184 31.81 -53.38 -5.83
N THR D 185 31.07 -53.40 -6.94
CA THR D 185 30.11 -54.46 -7.23
C THR D 185 30.56 -55.26 -8.45
N LEU D 186 30.61 -56.58 -8.29
CA LEU D 186 30.98 -57.50 -9.34
C LEU D 186 29.95 -58.62 -9.43
N THR D 187 30.14 -59.52 -10.39
CA THR D 187 29.35 -60.73 -10.45
C THR D 187 29.96 -61.80 -9.55
N LYS D 188 29.16 -62.81 -9.23
CA LYS D 188 29.66 -63.92 -8.43
C LYS D 188 30.75 -64.68 -9.17
N ASP D 189 30.62 -64.80 -10.49
CA ASP D 189 31.63 -65.50 -11.30
C ASP D 189 32.97 -64.78 -11.24
N GLU D 190 32.99 -63.49 -11.59
CA GLU D 190 34.24 -62.75 -11.60
C GLU D 190 34.82 -62.59 -10.20
N TYR D 191 33.97 -62.44 -9.18
CA TYR D 191 34.48 -62.30 -7.82
C TYR D 191 35.30 -63.52 -7.42
N GLU D 192 34.85 -64.71 -7.80
CA GLU D 192 35.55 -65.94 -7.45
C GLU D 192 36.75 -66.22 -8.35
N ARG D 193 37.04 -65.34 -9.32
CA ARG D 193 38.18 -65.49 -10.20
C ARG D 193 39.39 -64.68 -9.74
N HIS D 194 39.34 -64.11 -8.54
CA HIS D 194 40.44 -63.33 -8.00
C HIS D 194 40.59 -63.62 -6.51
N ASN D 195 41.75 -63.26 -5.97
CA ASN D 195 42.11 -63.59 -4.59
C ASN D 195 42.16 -62.38 -3.66
N SER D 196 42.69 -61.25 -4.12
CA SER D 196 42.95 -60.11 -3.26
C SER D 196 42.08 -58.92 -3.64
N TYR D 197 41.59 -58.21 -2.62
CA TYR D 197 40.79 -57.00 -2.77
C TYR D 197 41.32 -55.97 -1.78
N THR D 198 41.46 -54.72 -2.24
CA THR D 198 42.19 -53.71 -1.48
C THR D 198 41.52 -52.36 -1.58
N CYS D 199 41.52 -51.63 -0.45
CA CYS D 199 41.14 -50.23 -0.39
C CYS D 199 42.37 -49.36 -0.20
N GLU D 200 42.55 -48.36 -1.06
CA GLU D 200 43.67 -47.44 -0.97
C GLU D 200 43.11 -46.04 -0.76
N ALA D 201 43.43 -45.45 0.39
CA ALA D 201 42.93 -44.13 0.75
C ALA D 201 44.06 -43.12 0.79
N THR D 202 43.79 -41.92 0.31
CA THR D 202 44.74 -40.82 0.29
C THR D 202 44.19 -39.68 1.14
N HIS D 203 44.92 -39.32 2.19
CA HIS D 203 44.50 -38.25 3.08
C HIS D 203 45.70 -37.39 3.46
N LYS D 204 45.40 -36.16 3.89
CA LYS D 204 46.46 -35.22 4.24
C LYS D 204 47.22 -35.64 5.49
N THR D 205 46.58 -36.41 6.38
CA THR D 205 47.18 -36.79 7.65
C THR D 205 48.25 -37.86 7.52
N SER D 206 48.49 -38.39 6.33
CA SER D 206 49.51 -39.41 6.13
C SER D 206 50.09 -39.28 4.73
N THR D 207 51.42 -39.38 4.64
CA THR D 207 52.07 -39.30 3.34
C THR D 207 51.84 -40.57 2.53
N SER D 208 51.93 -41.74 3.19
CA SER D 208 51.64 -43.00 2.50
C SER D 208 50.15 -43.30 2.59
N PRO D 209 49.60 -44.04 1.63
CA PRO D 209 48.16 -44.30 1.63
C PRO D 209 47.76 -45.25 2.73
N ILE D 210 46.52 -45.08 3.21
CA ILE D 210 45.93 -45.99 4.18
C ILE D 210 45.36 -47.17 3.40
N VAL D 211 45.81 -48.38 3.73
CA VAL D 211 45.47 -49.58 2.97
C VAL D 211 44.72 -50.55 3.89
N LYS D 212 43.72 -51.22 3.31
CA LYS D 212 42.96 -52.23 4.03
C LYS D 212 42.51 -53.26 3.00
N SER D 213 42.94 -54.52 3.18
CA SER D 213 42.70 -55.55 2.19
C SER D 213 42.27 -56.85 2.87
N PHE D 214 41.74 -57.76 2.06
CA PHE D 214 41.42 -59.10 2.51
C PHE D 214 41.55 -60.05 1.32
N ASN D 215 41.90 -61.30 1.61
CA ASN D 215 42.10 -62.31 0.60
C ASN D 215 41.11 -63.46 0.80
N ARG D 216 40.52 -63.92 -0.29
CA ARG D 216 39.56 -65.02 -0.20
C ARG D 216 40.25 -66.26 0.37
N ASN D 217 39.91 -66.63 1.59
CA ASN D 217 40.52 -67.78 2.26
C ASN D 217 40.08 -67.84 3.72
C1 PEG G . -23.52 52.68 10.27
O1 PEG G . -22.61 51.60 10.30
C2 PEG G . -24.89 52.20 9.90
O2 PEG G . -25.74 53.27 9.54
C3 PEG G . -26.10 54.07 10.64
C4 PEG G . -27.07 55.14 10.22
O4 PEG G . -27.33 56.02 11.30
H11 PEG G . -23.55 53.13 11.13
H12 PEG G . -23.23 53.34 9.62
HO1 PEG G . -21.85 51.89 10.52
H21 PEG G . -24.80 51.57 9.17
H22 PEG G . -25.25 51.71 10.66
H31 PEG G . -26.51 53.52 11.33
H32 PEG G . -25.31 54.47 11.04
H41 PEG G . -26.68 55.60 9.46
H42 PEG G . -27.87 54.70 9.89
HO4 PEG G . -27.87 56.61 11.02
C1 PEG H . -15.55 42.05 14.98
O1 PEG H . -14.66 41.06 15.41
C2 PEG H . -14.92 42.85 13.88
O2 PEG H . -14.97 42.14 12.65
C3 PEG H . -13.98 41.16 12.55
C4 PEG H . -13.89 40.66 11.13
O4 PEG H . -12.89 39.67 11.03
H11 PEG H . -16.38 41.66 14.64
H12 PEG H . -15.81 42.64 15.70
HO1 PEG H . -15.06 40.59 16.00
H21 PEG H . -15.37 43.71 13.80
H22 PEG H . -14.00 43.05 14.13
H31 PEG H . -13.12 41.52 12.82
H32 PEG H . -14.17 40.42 13.15
H41 PEG H . -14.77 40.32 10.89
H42 PEG H . -13.72 41.42 10.56
HO4 PEG H . -12.92 39.34 10.25
C1 PEG I . -2.27 28.45 11.77
O1 PEG I . -0.90 28.61 11.53
C2 PEG I . -2.69 29.31 12.94
O2 PEG I . -4.08 29.19 13.16
C3 PEG I . -4.54 29.95 14.24
C4 PEG I . -4.67 31.41 13.89
O4 PEG I . -3.42 32.05 14.07
H11 PEG I . -2.80 28.70 10.99
H12 PEG I . -2.50 27.53 11.96
HO1 PEG I . -0.67 28.08 10.89
H21 PEG I . -2.19 29.03 13.72
H22 PEG I . -2.44 30.23 12.75
H31 PEG I . -5.41 29.61 14.54
H32 PEG I . -3.94 29.84 15.00
H41 PEG I . -4.98 31.46 12.98
H42 PEG I . -5.36 31.79 14.45
HO4 PEG I . -3.50 32.85 13.81
C1 PEG J . -5.75 32.19 -7.75
O1 PEG J . -4.68 32.59 -8.56
C2 PEG J . -5.65 30.72 -7.43
O2 PEG J . -6.77 30.27 -6.71
C3 PEG J . -6.71 30.64 -5.35
C4 PEG J . -7.95 30.19 -4.63
O4 PEG J . -9.09 30.86 -5.16
H11 PEG J . -5.76 32.69 -6.91
H12 PEG J . -6.61 32.37 -8.17
HO1 PEG J . -4.76 33.42 -8.73
H21 PEG J . -5.56 30.25 -8.27
H22 PEG J . -4.83 30.58 -6.95
H31 PEG J . -5.94 30.24 -4.93
H32 PEG J . -6.61 31.60 -5.27
H41 PEG J . -8.02 29.24 -4.71
H42 PEG J . -7.83 30.39 -3.68
HO4 PEG J . -9.78 30.54 -4.79
C1 PEG K . -5.40 1.38 -5.20
O1 PEG K . -4.27 1.77 -4.44
C2 PEG K . -6.56 2.29 -4.88
O2 PEG K . -7.71 1.89 -5.58
C3 PEG K . -8.69 2.89 -5.64
C4 PEG K . -9.30 3.12 -4.28
O4 PEG K . -8.43 3.94 -3.50
H11 PEG K . -5.22 1.41 -6.15
H12 PEG K . -5.66 0.46 -4.99
HO1 PEG K . -3.65 1.20 -4.58
H21 PEG K . -6.70 2.27 -3.92
H22 PEG K . -6.30 3.20 -5.11
H31 PEG K . -8.31 3.72 -5.96
H32 PEG K . -9.39 2.65 -6.26
H41 PEG K . -10.17 3.53 -4.40
H42 PEG K . -9.44 2.25 -3.87
HO4 PEG K . -8.78 4.03 -2.73
C1 PEG L . 21.61 -51.27 -9.66
O1 PEG L . 22.69 -50.60 -9.07
C2 PEG L . 21.39 -52.60 -8.98
O2 PEG L . 20.24 -53.25 -9.47
C3 PEG L . 20.11 -54.56 -9.00
C4 PEG L . 19.67 -54.57 -7.55
O4 PEG L . 19.46 -55.90 -7.13
H11 PEG L . 20.79 -50.74 -9.60
H12 PEG L . 21.76 -51.43 -10.61
HO1 PEG L . 22.82 -49.88 -9.49
H21 PEG L . 22.18 -53.14 -9.10
H22 PEG L . 21.32 -52.43 -8.02
H31 PEG L . 19.46 -55.05 -9.53
H32 PEG L . 20.95 -55.04 -9.09
H41 PEG L . 20.37 -54.12 -7.04
H42 PEG L . 18.88 -54.03 -7.48
HO4 PEG L . 19.24 -55.88 -6.30
C1 PEG M . 24.43 -58.55 -10.32
O1 PEG M . 23.81 -59.60 -9.60
C2 PEG M . 25.65 -58.08 -9.56
O2 PEG M . 26.26 -56.98 -10.22
C3 PEG M . 26.95 -57.37 -11.38
C4 PEG M . 27.85 -56.26 -11.85
O4 PEG M . 28.41 -56.60 -13.11
H11 PEG M . 24.69 -58.83 -11.21
H12 PEG M . 23.82 -57.80 -10.43
HO1 PEG M . 23.10 -59.81 -10.02
H21 PEG M . 25.37 -57.83 -8.66
H22 PEG M . 26.26 -58.82 -9.47
H31 PEG M . 27.49 -58.17 -11.20
H32 PEG M . 26.33 -57.61 -12.08
H41 PEG M . 27.31 -55.45 -11.89
H42 PEG M . 28.52 -56.12 -11.17
HO4 PEG M . 28.87 -55.93 -13.38
#